data_8SZ3
#
_entry.id   8SZ3
#
_cell.length_a   82.375
_cell.length_b   76.405
_cell.length_c   128.019
_cell.angle_alpha   90.000
_cell.angle_beta   102.580
_cell.angle_gamma   90.000
#
_symmetry.space_group_name_H-M   'C 1 2 1'
#
loop_
_entity.id
_entity.type
_entity.pdbx_description
1 polymer 'N-acetyllactosaminide beta-1,3-N-acetylglucosaminyltransferase 2'
2 branched 2-acetamido-2-deoxy-beta-D-glucopyranose-(1-4)-2-acetamido-2-deoxy-beta-D-glucopyranose
3 non-polymer N-[(1S)-1-(5-bromopyridin-2-yl)ethyl]-3-[(2R)-3,3-dimethylbutan-2-yl]-2-oxo-2,3-dihydro-1H-benzimidazole-5-carboxamide
4 non-polymer 1,2-ETHANEDIOL
5 water water
#
_entity_poly.entity_id   1
_entity_poly.type   'polypeptide(L)'
_entity_poly.pdbx_seq_one_letter_code
;MSVGRRRIKLLGILMMANVFIYFIMEVSKSSSQEKNGKGEVIIPKEKFWKISTPPEAYWNREQEKLNRQYNPILSMLTNQ
TGEAGRLSNISHLNYCEPDLRVTSVVTGFNNLPDRFKDFLLYLRCRNYSLLIDQPDKCAKKPFLLLAIKSLTPHFARRQA
IRESWGQESNAGNQTVVRVFLLGQTPPEDNHPDLSDMLKFESEKHQDILMWNYRDTFFNLSLKEVLFLRWVSTSCPDTEF
VFKGDDDVFVNTHHILNYLNSLSKTKAKDLFIGDVIHNAGPHRDKKLKYYIPEVVYSGLYPPYAGGGGFLYSGHLALRLY
HITDQVHLYPIDDVYTGMCLQKLGLVPEKHKGFRTFDIEEKNKNNICSYVDLMLVHSRKPQEMIDIWSQLQSAHLKC
;
_entity_poly.pdbx_strand_id   A,B
#
loop_
_chem_comp.id
_chem_comp.type
_chem_comp.name
_chem_comp.formula
EDO non-polymer 1,2-ETHANEDIOL 'C2 H6 O2'
NAG D-saccharide, beta linking 2-acetamido-2-deoxy-beta-D-glucopyranose 'C8 H15 N O6'
X18 non-polymer N-[(1S)-1-(5-bromopyridin-2-yl)ethyl]-3-[(2R)-3,3-dimethylbutan-2-yl]-2-oxo-2,3-dihydro-1H-benzimidazole-5-carboxamide 'C21 H25 Br N4 O2'
#
# COMPACT_ATOMS: atom_id res chain seq x y z
N GLU A 56 17.29 8.41 2.52
CA GLU A 56 17.46 8.58 1.08
C GLU A 56 17.55 7.22 0.39
N ALA A 57 18.21 6.26 1.04
CA ALA A 57 18.33 4.92 0.49
C ALA A 57 17.07 4.12 0.79
N TYR A 58 16.53 3.46 -0.24
CA TYR A 58 15.24 2.80 -0.12
C TYR A 58 15.25 1.74 0.97
N TRP A 59 16.29 0.91 1.02
CA TRP A 59 16.29 -0.20 1.97
C TRP A 59 16.39 0.31 3.41
N ASN A 60 17.19 1.35 3.64
CA ASN A 60 17.34 1.88 5.00
C ASN A 60 16.05 2.51 5.50
N ARG A 61 15.34 3.23 4.62
CA ARG A 61 14.07 3.82 5.02
C ARG A 61 13.04 2.76 5.34
N GLU A 62 12.94 1.73 4.50
CA GLU A 62 11.97 0.66 4.74
C GLU A 62 12.32 -0.13 6.00
N GLN A 63 13.62 -0.31 6.27
CA GLN A 63 14.02 -1.05 7.46
C GLN A 63 13.72 -0.27 8.73
N GLU A 64 13.95 1.04 8.71
CA GLU A 64 13.59 1.87 9.86
C GLU A 64 12.08 1.92 10.06
N LYS A 65 11.30 1.88 8.98
CA LYS A 65 9.86 1.68 9.11
C LYS A 65 9.57 0.34 9.76
N LEU A 66 10.28 -0.71 9.34
CA LEU A 66 10.19 -2.00 10.02
C LEU A 66 10.67 -1.86 11.47
N ASN A 67 11.68 -1.03 11.70
CA ASN A 67 12.11 -0.70 13.06
C ASN A 67 11.17 0.32 13.68
N ARG A 68 9.86 0.11 13.51
CA ARG A 68 8.83 0.89 14.18
C ARG A 68 7.72 -0.06 14.62
N GLN A 69 7.31 -0.94 13.71
CA GLN A 69 6.26 -1.93 13.98
C GLN A 69 6.64 -2.91 15.06
N TYR A 70 7.93 -3.03 15.40
CA TYR A 70 8.40 -4.05 16.33
C TYR A 70 8.82 -3.46 17.68
N ASN A 71 8.31 -2.29 18.02
CA ASN A 71 8.69 -1.64 19.27
C ASN A 71 7.49 -1.40 20.17
N SER A 91 2.33 -7.71 6.98
CA SER A 91 2.25 -8.24 5.63
C SER A 91 3.48 -7.86 4.80
N HIS A 92 4.57 -7.52 5.49
CA HIS A 92 5.87 -7.35 4.85
C HIS A 92 6.54 -8.69 4.58
N LEU A 93 5.81 -9.79 4.75
CA LEU A 93 6.34 -11.13 4.54
C LEU A 93 5.53 -11.96 3.54
N ASN A 94 4.31 -11.54 3.21
CA ASN A 94 3.44 -12.30 2.31
C ASN A 94 2.85 -11.44 1.21
N TYR A 95 3.31 -10.20 1.05
CA TYR A 95 2.82 -9.31 0.01
C TYR A 95 3.57 -9.63 -1.28
N CYS A 96 2.95 -10.45 -2.14
CA CYS A 96 3.62 -11.02 -3.31
C CYS A 96 3.08 -10.48 -4.63
N GLU A 97 2.62 -9.25 -4.63
CA GLU A 97 2.32 -8.57 -5.88
C GLU A 97 3.32 -7.44 -6.09
N PRO A 98 3.59 -7.05 -7.34
CA PRO A 98 4.63 -6.03 -7.59
C PRO A 98 4.35 -4.74 -6.83
N ASP A 99 5.25 -4.43 -5.89
CA ASP A 99 5.21 -3.15 -5.18
C ASP A 99 5.48 -2.04 -6.17
N LEU A 100 4.42 -1.46 -6.75
CA LEU A 100 4.59 -0.44 -7.77
C LEU A 100 5.17 0.84 -7.21
N ARG A 101 5.00 1.09 -5.91
CA ARG A 101 5.49 2.33 -5.31
C ARG A 101 6.98 2.53 -5.53
N VAL A 102 7.73 1.44 -5.69
CA VAL A 102 9.18 1.58 -5.88
C VAL A 102 9.50 2.28 -7.20
N THR A 103 8.63 2.17 -8.20
CA THR A 103 8.89 2.86 -9.46
C THR A 103 8.78 4.38 -9.30
N SER A 104 8.08 4.85 -8.28
CA SER A 104 7.92 6.28 -8.07
C SER A 104 8.93 6.82 -7.07
N VAL A 105 9.20 6.06 -6.00
CA VAL A 105 10.01 6.59 -4.92
C VAL A 105 11.50 6.36 -5.17
N VAL A 106 11.86 5.27 -5.86
CA VAL A 106 13.27 4.96 -6.12
C VAL A 106 13.72 5.82 -7.30
N THR A 107 14.52 6.85 -7.00
CA THR A 107 15.03 7.73 -8.05
C THR A 107 15.99 6.96 -8.94
N GLY A 108 15.67 6.89 -10.23
CA GLY A 108 16.46 6.12 -11.17
C GLY A 108 16.06 4.67 -11.31
N PHE A 109 14.85 4.31 -10.86
CA PHE A 109 14.42 2.92 -10.84
C PHE A 109 14.53 2.26 -12.22
N ASN A 110 13.99 2.92 -13.24
CA ASN A 110 13.83 2.28 -14.54
C ASN A 110 15.13 2.23 -15.35
N ASN A 111 16.23 2.73 -14.81
CA ASN A 111 17.54 2.55 -15.43
C ASN A 111 18.44 1.61 -14.63
N LEU A 112 17.93 1.07 -13.53
CA LEU A 112 18.69 0.09 -12.76
C LEU A 112 18.73 -1.24 -13.51
N PRO A 113 19.70 -2.10 -13.21
CA PRO A 113 19.71 -3.44 -13.80
C PRO A 113 18.50 -4.25 -13.35
N ASP A 114 18.12 -5.22 -14.20
CA ASP A 114 16.88 -5.97 -13.99
C ASP A 114 16.85 -6.65 -12.63
N ARG A 115 18.00 -7.08 -12.12
CA ARG A 115 18.02 -7.77 -10.82
C ARG A 115 17.65 -6.83 -9.68
N PHE A 116 17.92 -5.53 -9.83
CA PHE A 116 17.49 -4.57 -8.83
C PHE A 116 16.00 -4.30 -8.93
N LYS A 117 15.49 -4.18 -10.16
CA LYS A 117 14.05 -3.96 -10.35
C LYS A 117 13.25 -5.11 -9.75
N ASP A 118 13.67 -6.35 -10.01
CA ASP A 118 12.95 -7.50 -9.47
C ASP A 118 13.07 -7.56 -7.95
N PHE A 119 14.26 -7.29 -7.41
CA PHE A 119 14.43 -7.36 -5.96
C PHE A 119 13.56 -6.34 -5.25
N LEU A 120 13.54 -5.10 -5.75
CA LEU A 120 12.77 -4.05 -5.11
C LEU A 120 11.27 -4.27 -5.28
N LEU A 121 10.86 -4.82 -6.43
CA LEU A 121 9.43 -5.00 -6.69
C LEU A 121 8.81 -6.00 -5.72
N TYR A 122 9.54 -7.07 -5.39
CA TYR A 122 8.99 -8.16 -4.59
C TYR A 122 9.67 -8.28 -3.23
N LEU A 123 10.19 -7.17 -2.70
CA LEU A 123 10.96 -7.21 -1.47
C LEU A 123 10.15 -7.80 -0.32
N ARG A 124 8.85 -7.51 -0.28
CA ARG A 124 7.99 -7.92 0.83
C ARG A 124 7.36 -9.29 0.63
N CYS A 125 7.84 -10.08 -0.33
CA CYS A 125 7.35 -11.42 -0.58
C CYS A 125 8.41 -12.44 -0.19
N ARG A 126 8.08 -13.31 0.76
CA ARG A 126 9.00 -14.34 1.18
C ARG A 126 8.29 -15.64 1.58
N ASN A 127 6.98 -15.74 1.39
CA ASN A 127 6.24 -16.95 1.77
C ASN A 127 6.27 -17.94 0.60
N TYR A 128 7.39 -18.65 0.50
CA TYR A 128 7.57 -19.67 -0.52
C TYR A 128 7.50 -21.06 0.11
N SER A 129 7.20 -22.04 -0.72
CA SER A 129 6.90 -23.39 -0.26
C SER A 129 7.92 -24.38 -0.80
N LEU A 130 8.01 -25.53 -0.13
CA LEU A 130 8.94 -26.58 -0.54
C LEU A 130 8.30 -27.42 -1.63
N LEU A 131 8.97 -27.51 -2.78
CA LEU A 131 8.54 -28.45 -3.81
C LEU A 131 9.13 -29.83 -3.56
N ILE A 132 10.37 -29.88 -3.06
CA ILE A 132 11.04 -31.13 -2.71
C ILE A 132 11.53 -30.99 -1.27
N ASP A 133 11.19 -31.97 -0.43
CA ASP A 133 11.56 -31.96 0.97
C ASP A 133 12.14 -33.30 1.37
N GLN A 134 12.95 -33.28 2.43
CA GLN A 134 13.38 -34.48 3.14
C GLN A 134 13.07 -34.27 4.61
N PRO A 135 11.78 -34.35 4.98
CA PRO A 135 11.42 -33.99 6.36
C PRO A 135 11.91 -34.99 7.39
N ASP A 136 12.13 -36.24 6.98
CA ASP A 136 12.68 -37.26 7.86
C ASP A 136 14.20 -37.19 7.95
N LYS A 137 14.80 -36.11 7.44
CA LYS A 137 16.26 -36.01 7.42
C LYS A 137 16.85 -36.00 8.82
N CYS A 138 16.14 -35.41 9.79
CA CYS A 138 16.70 -35.14 11.11
C CYS A 138 16.05 -35.97 12.21
N ALA A 139 15.47 -37.12 11.85
CA ALA A 139 14.87 -38.02 12.84
C ALA A 139 15.83 -38.30 13.98
N LYS A 140 17.02 -38.78 13.64
CA LYS A 140 18.10 -38.94 14.62
C LYS A 140 18.74 -37.58 14.85
N LYS A 141 18.60 -37.07 16.07
CA LYS A 141 19.23 -35.85 16.55
C LYS A 141 20.63 -35.64 15.99
N PRO A 142 20.78 -34.82 14.96
CA PRO A 142 22.09 -34.70 14.31
C PRO A 142 23.02 -33.80 15.11
N PHE A 143 24.31 -34.13 15.05
CA PHE A 143 25.29 -33.28 15.70
C PHE A 143 25.68 -32.09 14.82
N LEU A 144 25.74 -32.31 13.50
CA LEU A 144 26.10 -31.27 12.55
C LEU A 144 25.24 -31.41 11.31
N LEU A 145 24.54 -30.34 10.94
CA LEU A 145 23.73 -30.32 9.73
C LEU A 145 24.53 -29.61 8.63
N LEU A 146 24.83 -30.32 7.56
CA LEU A 146 25.53 -29.74 6.42
C LEU A 146 24.50 -29.25 5.42
N ALA A 147 24.42 -27.94 5.23
CA ALA A 147 23.47 -27.32 4.31
C ALA A 147 24.27 -26.60 3.22
N ILE A 148 24.19 -27.10 2.00
CA ILE A 148 25.04 -26.64 0.91
C ILE A 148 24.18 -25.96 -0.15
N LYS A 149 24.43 -24.67 -0.36
CA LYS A 149 23.78 -23.95 -1.44
C LYS A 149 24.21 -24.52 -2.79
N SER A 150 23.24 -24.78 -3.66
CA SER A 150 23.55 -25.32 -4.98
C SER A 150 22.52 -24.80 -5.97
N LEU A 151 22.86 -24.93 -7.25
CA LEU A 151 21.95 -24.64 -8.35
C LEU A 151 21.64 -25.94 -9.08
N THR A 152 20.45 -26.00 -9.68
CA THR A 152 19.98 -27.21 -10.37
C THR A 152 21.02 -27.87 -11.28
N PRO A 153 21.74 -27.16 -12.15
CA PRO A 153 22.67 -27.85 -13.07
C PRO A 153 23.94 -28.37 -12.41
N HIS A 154 24.15 -28.17 -11.11
CA HIS A 154 25.42 -28.51 -10.47
C HIS A 154 25.43 -29.95 -9.95
N PHE A 155 25.24 -30.91 -10.86
CA PHE A 155 25.22 -32.31 -10.45
C PHE A 155 26.60 -32.79 -10.02
N ALA A 156 27.66 -32.38 -10.72
CA ALA A 156 28.99 -32.83 -10.39
C ALA A 156 29.44 -32.30 -9.03
N ARG A 157 29.19 -31.02 -8.76
CA ARG A 157 29.56 -30.44 -7.48
C ARG A 157 28.88 -31.17 -6.33
N ARG A 158 27.58 -31.40 -6.44
CA ARG A 158 26.83 -32.06 -5.38
C ARG A 158 27.32 -33.50 -5.17
N GLN A 159 27.56 -34.23 -6.26
CA GLN A 159 27.97 -35.62 -6.13
C GLN A 159 29.35 -35.74 -5.49
N ALA A 160 30.28 -34.87 -5.87
CA ALA A 160 31.61 -34.89 -5.26
C ALA A 160 31.52 -34.60 -3.77
N ILE A 161 30.62 -33.71 -3.37
CA ILE A 161 30.42 -33.41 -1.95
C ILE A 161 29.85 -34.63 -1.25
N ARG A 162 28.83 -35.27 -1.85
CA ARG A 162 28.29 -36.51 -1.30
C ARG A 162 29.38 -37.54 -1.06
N GLU A 163 30.30 -37.67 -2.02
CA GLU A 163 31.32 -38.71 -1.98
C GLU A 163 32.49 -38.38 -1.06
N SER A 164 32.62 -37.12 -0.64
CA SER A 164 33.83 -36.69 0.07
C SER A 164 33.52 -36.05 1.41
N TRP A 165 33.67 -34.73 1.52
CA TRP A 165 33.53 -34.08 2.82
C TRP A 165 32.08 -33.95 3.26
N GLY A 166 31.11 -34.18 2.37
CA GLY A 166 29.72 -34.12 2.76
C GLY A 166 29.12 -35.49 3.03
N GLN A 167 29.97 -36.48 3.30
CA GLN A 167 29.48 -37.80 3.69
C GLN A 167 28.63 -37.69 4.95
N GLU A 168 27.48 -38.34 4.94
CA GLU A 168 26.74 -38.52 6.18
C GLU A 168 27.43 -39.59 7.02
N SER A 169 27.07 -39.65 8.30
CA SER A 169 27.75 -40.53 9.23
C SER A 169 26.87 -40.90 10.43
N GLN A 174 27.15 -38.67 17.70
CA GLN A 174 27.56 -37.54 16.85
C GLN A 174 27.23 -37.83 15.38
N THR A 175 26.09 -37.31 14.93
CA THR A 175 25.55 -37.61 13.61
C THR A 175 25.74 -36.43 12.67
N VAL A 176 26.09 -36.73 11.42
CA VAL A 176 26.22 -35.73 10.36
C VAL A 176 25.18 -36.05 9.30
N VAL A 177 24.39 -35.04 8.92
CA VAL A 177 23.41 -35.17 7.87
C VAL A 177 23.62 -34.04 6.86
N ARG A 178 23.09 -34.24 5.66
CA ARG A 178 23.40 -33.38 4.52
C ARG A 178 22.11 -32.95 3.83
N VAL A 179 22.03 -31.67 3.50
CA VAL A 179 20.98 -31.13 2.64
C VAL A 179 21.62 -30.18 1.64
N PHE A 180 21.18 -30.25 0.39
CA PHE A 180 21.46 -29.23 -0.60
C PHE A 180 20.24 -28.33 -0.74
N LEU A 181 20.49 -27.02 -0.79
CA LEU A 181 19.43 -26.03 -0.81
C LEU A 181 19.33 -25.44 -2.21
N LEU A 182 18.17 -25.62 -2.85
CA LEU A 182 17.97 -25.20 -4.22
C LEU A 182 16.68 -24.40 -4.35
N GLY A 183 16.72 -23.43 -5.26
CA GLY A 183 15.52 -22.81 -5.79
C GLY A 183 15.22 -23.33 -7.18
N GLN A 184 14.39 -22.58 -7.90
CA GLN A 184 13.93 -22.99 -9.22
C GLN A 184 14.74 -22.32 -10.32
N THR A 185 15.12 -23.10 -11.33
CA THR A 185 15.68 -22.60 -12.58
C THR A 185 14.69 -22.90 -13.69
N PRO A 186 13.60 -22.14 -13.78
CA PRO A 186 12.44 -22.56 -14.58
C PRO A 186 12.68 -22.31 -16.07
N PRO A 187 11.91 -22.99 -16.93
CA PRO A 187 12.09 -22.79 -18.38
C PRO A 187 11.72 -21.39 -18.86
N GLU A 188 10.79 -20.71 -18.18
CA GLU A 188 10.42 -19.35 -18.58
C GLU A 188 11.64 -18.43 -18.60
N ASP A 189 12.66 -18.72 -17.80
CA ASP A 189 13.91 -17.99 -17.78
C ASP A 189 14.96 -18.62 -18.68
N ASN A 190 14.57 -19.51 -19.58
CA ASN A 190 15.42 -20.12 -20.60
C ASN A 190 16.42 -21.13 -20.03
N HIS A 191 16.16 -21.68 -18.85
CA HIS A 191 17.02 -22.74 -18.37
C HIS A 191 16.68 -24.06 -19.07
N PRO A 192 17.68 -24.92 -19.28
CA PRO A 192 17.38 -26.26 -19.80
C PRO A 192 16.54 -27.04 -18.80
N ASP A 193 15.65 -27.88 -19.31
CA ASP A 193 14.82 -28.70 -18.46
C ASP A 193 15.67 -29.83 -17.90
N LEU A 194 16.06 -29.70 -16.64
CA LEU A 194 16.78 -30.74 -15.92
C LEU A 194 15.89 -31.37 -14.83
N SER A 195 14.57 -31.21 -14.95
CA SER A 195 13.66 -31.62 -13.89
C SER A 195 13.72 -33.12 -13.64
N ASP A 196 13.58 -33.92 -14.69
CA ASP A 196 13.51 -35.36 -14.53
C ASP A 196 14.81 -35.93 -13.95
N MET A 197 15.94 -35.32 -14.26
CA MET A 197 17.20 -35.77 -13.68
C MET A 197 17.36 -35.30 -12.24
N LEU A 198 16.81 -34.13 -11.90
CA LEU A 198 16.77 -33.71 -10.50
C LEU A 198 15.84 -34.61 -9.70
N LYS A 199 14.71 -35.01 -10.29
CA LYS A 199 13.85 -36.02 -9.70
C LYS A 199 14.61 -37.32 -9.47
N PHE A 200 15.19 -37.87 -10.54
CA PHE A 200 16.03 -39.05 -10.42
C PHE A 200 17.09 -38.88 -9.33
N GLU A 201 17.69 -37.70 -9.24
CA GLU A 201 18.75 -37.49 -8.26
C GLU A 201 18.19 -37.40 -6.85
N SER A 202 17.05 -36.72 -6.69
CA SER A 202 16.45 -36.58 -5.37
C SER A 202 16.05 -37.94 -4.80
N GLU A 203 15.47 -38.80 -5.64
CA GLU A 203 15.06 -40.12 -5.17
C GLU A 203 16.27 -40.92 -4.67
N LYS A 204 17.35 -40.94 -5.44
CA LYS A 204 18.48 -41.81 -5.13
C LYS A 204 19.31 -41.31 -3.97
N HIS A 205 19.32 -40.00 -3.69
CA HIS A 205 20.17 -39.44 -2.63
C HIS A 205 19.43 -38.71 -1.52
N GLN A 206 18.19 -38.29 -1.75
CA GLN A 206 17.30 -37.79 -0.69
C GLN A 206 17.98 -36.71 0.14
N ASP A 207 18.68 -35.83 -0.55
CA ASP A 207 19.32 -34.73 0.16
C ASP A 207 19.09 -33.40 -0.56
N ILE A 208 18.00 -33.28 -1.30
CA ILE A 208 17.69 -32.07 -2.07
C ILE A 208 16.49 -31.38 -1.43
N LEU A 209 16.69 -30.14 -1.01
CA LEU A 209 15.61 -29.26 -0.57
C LEU A 209 15.42 -28.21 -1.65
N MET A 210 14.22 -28.18 -2.25
CA MET A 210 13.92 -27.22 -3.30
C MET A 210 12.65 -26.45 -2.96
N TRP A 211 12.74 -25.13 -2.97
CA TRP A 211 11.60 -24.23 -2.81
C TRP A 211 11.18 -23.68 -4.17
N ASN A 212 10.02 -23.02 -4.20
CA ASN A 212 9.42 -22.57 -5.45
C ASN A 212 9.66 -21.08 -5.69
N TYR A 213 10.90 -20.62 -5.51
CA TYR A 213 11.29 -19.28 -5.87
C TYR A 213 12.41 -19.35 -6.91
N ARG A 214 12.59 -18.27 -7.65
CA ARG A 214 13.60 -18.23 -8.69
C ARG A 214 14.98 -18.13 -8.07
N ASP A 215 15.78 -19.19 -8.22
CA ASP A 215 17.12 -19.30 -7.62
C ASP A 215 18.06 -18.36 -8.35
N THR A 216 18.04 -17.09 -7.95
CA THR A 216 18.86 -16.06 -8.56
C THR A 216 19.82 -15.48 -7.53
N PHE A 217 20.78 -14.69 -8.04
CA PHE A 217 21.82 -14.13 -7.18
C PHE A 217 21.23 -13.25 -6.09
N PHE A 218 20.36 -12.31 -6.47
CA PHE A 218 19.78 -11.38 -5.51
C PHE A 218 18.64 -11.98 -4.70
N ASN A 219 18.27 -13.24 -4.95
CA ASN A 219 17.30 -13.96 -4.15
C ASN A 219 17.95 -14.94 -3.19
N LEU A 220 19.24 -14.75 -2.90
CA LEU A 220 19.95 -15.67 -2.02
C LEU A 220 19.62 -15.44 -0.55
N SER A 221 19.32 -14.20 -0.17
CA SER A 221 18.78 -13.95 1.15
C SER A 221 17.48 -14.71 1.37
N LEU A 222 16.72 -14.92 0.30
CA LEU A 222 15.55 -15.79 0.37
C LEU A 222 15.94 -17.23 0.66
N LYS A 223 17.01 -17.70 0.02
CA LYS A 223 17.49 -19.06 0.28
C LYS A 223 17.85 -19.26 1.74
N GLU A 224 18.40 -18.22 2.38
CA GLU A 224 18.80 -18.34 3.78
C GLU A 224 17.59 -18.37 4.70
N VAL A 225 16.67 -17.41 4.54
CA VAL A 225 15.49 -17.35 5.39
C VAL A 225 14.68 -18.63 5.27
N LEU A 226 14.44 -19.09 4.04
CA LEU A 226 13.70 -20.32 3.84
C LEU A 226 14.44 -21.52 4.43
N PHE A 227 15.77 -21.50 4.42
CA PHE A 227 16.52 -22.57 5.05
C PHE A 227 16.30 -22.59 6.56
N LEU A 228 16.41 -21.43 7.20
CA LEU A 228 16.20 -21.36 8.64
C LEU A 228 14.80 -21.78 9.02
N ARG A 229 13.80 -21.40 8.20
CA ARG A 229 12.44 -21.88 8.42
C ARG A 229 12.39 -23.40 8.37
N TRP A 230 13.15 -24.01 7.46
CA TRP A 230 13.20 -25.46 7.40
C TRP A 230 13.88 -26.04 8.62
N VAL A 231 14.97 -25.41 9.07
CA VAL A 231 15.64 -25.82 10.29
C VAL A 231 14.65 -25.82 11.45
N SER A 232 13.89 -24.72 11.58
CA SER A 232 12.93 -24.61 12.66
C SER A 232 11.84 -25.67 12.54
N THR A 233 11.28 -25.84 11.34
CA THR A 233 10.14 -26.73 11.16
C THR A 233 10.56 -28.19 11.12
N SER A 234 11.78 -28.49 10.68
CA SER A 234 12.12 -29.88 10.38
C SER A 234 13.46 -30.35 10.95
N CYS A 235 14.32 -29.46 11.43
CA CYS A 235 15.57 -29.90 12.07
C CYS A 235 15.88 -29.05 13.30
N PRO A 236 14.95 -28.88 14.24
CA PRO A 236 15.22 -28.00 15.38
C PRO A 236 16.20 -28.60 16.38
N ASP A 237 16.44 -29.91 16.30
CA ASP A 237 17.20 -30.60 17.34
C ASP A 237 18.70 -30.41 17.19
N THR A 238 19.18 -30.19 15.97
CA THR A 238 20.60 -30.34 15.67
C THR A 238 21.45 -29.36 16.47
N GLU A 239 22.55 -29.86 17.06
CA GLU A 239 23.42 -29.00 17.86
C GLU A 239 23.99 -27.85 17.04
N PHE A 240 24.53 -28.18 15.86
CA PHE A 240 25.27 -27.22 15.06
C PHE A 240 24.90 -27.33 13.60
N VAL A 241 25.14 -26.25 12.85
CA VAL A 241 24.84 -26.22 11.43
C VAL A 241 26.01 -25.62 10.68
N PHE A 242 26.30 -26.15 9.50
CA PHE A 242 27.22 -25.54 8.55
C PHE A 242 26.45 -25.24 7.27
N LYS A 243 26.41 -23.96 6.89
CA LYS A 243 25.88 -23.53 5.61
C LYS A 243 27.02 -23.02 4.75
N GLY A 244 27.10 -23.51 3.51
CA GLY A 244 28.19 -23.11 2.65
C GLY A 244 27.82 -23.28 1.18
N ASP A 245 28.77 -22.90 0.33
CA ASP A 245 28.65 -22.98 -1.12
C ASP A 245 29.05 -24.36 -1.62
N ASP A 246 28.55 -24.71 -2.80
CA ASP A 246 28.82 -26.04 -3.36
C ASP A 246 30.15 -26.13 -4.10
N ASP A 247 31.00 -25.10 -4.04
CA ASP A 247 32.32 -25.14 -4.67
C ASP A 247 33.45 -24.87 -3.67
N VAL A 248 33.19 -25.05 -2.38
CA VAL A 248 34.22 -24.94 -1.34
C VAL A 248 34.56 -26.35 -0.87
N PHE A 249 35.83 -26.55 -0.50
CA PHE A 249 36.22 -27.75 0.22
C PHE A 249 36.15 -27.45 1.72
N VAL A 250 35.61 -28.40 2.48
CA VAL A 250 35.39 -28.24 3.91
C VAL A 250 36.02 -29.45 4.61
N ASN A 251 36.97 -29.20 5.51
CA ASN A 251 37.55 -30.28 6.31
C ASN A 251 36.55 -30.61 7.41
N THR A 252 35.68 -31.58 7.12
CA THR A 252 34.63 -31.95 8.06
C THR A 252 35.22 -32.58 9.32
N HIS A 253 36.29 -33.36 9.18
CA HIS A 253 36.93 -33.95 10.35
C HIS A 253 37.43 -32.87 11.31
N HIS A 254 38.02 -31.81 10.77
CA HIS A 254 38.49 -30.71 11.61
C HIS A 254 37.37 -29.82 12.10
N ILE A 255 36.22 -29.78 11.39
CA ILE A 255 35.03 -29.14 11.95
C ILE A 255 34.63 -29.82 13.25
N LEU A 256 34.40 -31.12 13.19
CA LEU A 256 33.99 -31.90 14.35
C LEU A 256 35.05 -31.88 15.44
N ASN A 257 36.18 -31.24 15.17
CA ASN A 257 37.22 -31.02 16.18
C ASN A 257 37.18 -29.63 16.78
N TYR A 258 36.80 -28.60 16.02
CA TYR A 258 36.49 -27.32 16.64
C TYR A 258 35.31 -27.45 17.59
N LEU A 259 34.32 -28.27 17.21
CA LEU A 259 33.12 -28.56 17.98
C LEU A 259 33.43 -29.32 19.30
N ASN A 260 34.71 -29.52 19.65
CA ASN A 260 35.09 -30.14 20.92
C ASN A 260 35.85 -29.17 21.81
N SER A 261 36.77 -28.37 21.25
CA SER A 261 37.39 -27.28 21.99
C SER A 261 36.33 -26.22 22.26
N LEU A 262 35.14 -26.65 22.62
CA LEU A 262 33.93 -25.84 22.67
C LEU A 262 33.38 -25.93 24.09
N SER A 263 33.57 -24.87 24.85
CA SER A 263 32.85 -24.74 26.11
C SER A 263 31.35 -24.78 25.83
N LYS A 264 30.63 -25.54 26.64
CA LYS A 264 29.18 -25.69 26.49
C LYS A 264 28.49 -24.31 26.50
N THR A 265 29.24 -23.27 26.87
CA THR A 265 28.79 -21.90 26.69
C THR A 265 28.96 -21.46 25.24
N LYS A 266 30.08 -21.79 24.62
CA LYS A 266 30.32 -21.36 23.25
C LYS A 266 29.45 -22.13 22.25
N ALA A 267 29.21 -23.40 22.51
CA ALA A 267 28.29 -24.23 21.73
C ALA A 267 26.83 -23.74 21.76
N LYS A 268 26.58 -22.54 22.32
CA LYS A 268 25.25 -21.94 22.38
C LYS A 268 25.08 -20.77 21.42
N ASP A 269 26.08 -19.88 21.35
CA ASP A 269 26.01 -18.67 20.54
C ASP A 269 27.05 -18.68 19.41
N LEU A 270 27.53 -19.86 19.05
CA LEU A 270 28.63 -19.97 18.09
C LEU A 270 28.18 -19.44 16.72
N PHE A 271 29.00 -18.54 16.15
CA PHE A 271 28.88 -18.15 14.74
C PHE A 271 30.28 -17.73 14.30
N ILE A 272 30.96 -18.60 13.56
CA ILE A 272 32.33 -18.34 13.13
C ILE A 272 32.44 -18.37 11.61
N GLY A 273 33.39 -17.60 11.11
CA GLY A 273 33.64 -17.55 9.68
C GLY A 273 34.68 -16.49 9.37
N ASP A 274 34.77 -16.12 8.09
CA ASP A 274 35.67 -15.06 7.66
C ASP A 274 34.93 -13.74 7.77
N VAL A 275 34.88 -13.23 9.00
CA VAL A 275 34.14 -12.00 9.29
C VAL A 275 34.89 -10.81 8.72
N ILE A 276 34.16 -9.90 8.07
CA ILE A 276 34.72 -8.69 7.49
C ILE A 276 34.05 -7.49 8.12
N HIS A 277 34.86 -6.60 8.69
CA HIS A 277 34.37 -5.43 9.40
C HIS A 277 34.54 -4.18 8.54
N ASN A 278 33.81 -3.12 8.90
CA ASN A 278 33.91 -1.81 8.28
C ASN A 278 33.64 -1.84 6.78
N ALA A 279 33.07 -2.93 6.27
CA ALA A 279 32.85 -3.08 4.84
C ALA A 279 31.66 -2.23 4.39
N GLY A 280 31.66 -1.89 3.11
CA GLY A 280 30.63 -1.04 2.57
C GLY A 280 30.22 -1.43 1.16
N PRO A 281 29.10 -0.89 0.70
CA PRO A 281 28.62 -1.22 -0.65
C PRO A 281 29.60 -0.78 -1.71
N HIS A 282 29.79 -1.65 -2.71
CA HIS A 282 30.58 -1.29 -3.88
C HIS A 282 29.71 -0.44 -4.80
N ARG A 283 30.23 0.71 -5.20
CA ARG A 283 29.48 1.65 -6.03
C ARG A 283 29.80 1.51 -7.52
N ASP A 284 30.67 0.58 -7.90
CA ASP A 284 31.09 0.42 -9.29
C ASP A 284 29.99 -0.33 -10.04
N LYS A 285 29.38 0.32 -11.03
CA LYS A 285 28.22 -0.24 -11.70
C LYS A 285 28.50 -1.58 -12.37
N LYS A 286 29.75 -1.86 -12.72
CA LYS A 286 30.10 -3.11 -13.37
C LYS A 286 30.54 -4.19 -12.41
N LEU A 287 30.73 -3.88 -11.12
CA LEU A 287 31.09 -4.90 -10.15
C LEU A 287 29.88 -5.78 -9.81
N LYS A 288 30.18 -6.98 -9.29
CA LYS A 288 29.13 -7.97 -9.06
C LYS A 288 28.36 -7.69 -7.77
N TYR A 289 29.03 -7.22 -6.72
CA TYR A 289 28.37 -6.83 -5.49
C TYR A 289 28.08 -5.33 -5.47
N TYR A 290 27.85 -4.75 -6.65
CA TYR A 290 27.50 -3.35 -6.77
C TYR A 290 26.13 -3.08 -6.14
N ILE A 291 26.07 -2.04 -5.32
CA ILE A 291 24.84 -1.60 -4.68
C ILE A 291 24.73 -0.10 -4.89
N PRO A 292 23.74 0.39 -5.63
CA PRO A 292 23.66 1.82 -5.86
C PRO A 292 23.19 2.57 -4.63
N GLU A 293 23.44 3.88 -4.69
CA GLU A 293 23.18 4.78 -3.56
C GLU A 293 21.69 4.92 -3.29
N VAL A 294 20.89 4.96 -4.35
CA VAL A 294 19.44 5.03 -4.23
C VAL A 294 18.85 3.84 -3.47
N VAL A 295 19.64 2.78 -3.26
CA VAL A 295 19.13 1.53 -2.71
C VAL A 295 19.64 1.30 -1.29
N TYR A 296 20.94 1.51 -1.04
CA TYR A 296 21.51 1.32 0.29
C TYR A 296 22.59 2.34 0.54
N SER A 297 22.53 2.98 1.71
CA SER A 297 23.55 3.90 2.18
C SER A 297 24.06 3.42 3.53
N GLY A 298 25.31 3.77 3.83
CA GLY A 298 25.97 3.40 5.05
C GLY A 298 27.00 2.31 4.84
N LEU A 299 27.24 1.57 5.91
CA LEU A 299 28.20 0.48 5.91
C LEU A 299 27.51 -0.79 6.43
N TYR A 300 28.05 -1.93 6.03
CA TYR A 300 27.51 -3.20 6.44
C TYR A 300 27.91 -3.52 7.89
N PRO A 301 27.11 -4.32 8.58
CA PRO A 301 27.54 -4.84 9.88
C PRO A 301 28.67 -5.83 9.69
N PRO A 302 29.28 -6.32 10.77
CA PRO A 302 30.18 -7.46 10.63
C PRO A 302 29.41 -8.67 10.14
N TYR A 303 30.00 -9.41 9.21
CA TYR A 303 29.32 -10.56 8.63
C TYR A 303 30.34 -11.56 8.11
N ALA A 304 30.07 -12.84 8.33
CA ALA A 304 30.89 -13.90 7.76
C ALA A 304 30.60 -14.04 6.27
N GLY A 305 31.64 -14.04 5.46
CA GLY A 305 31.50 -14.16 4.02
C GLY A 305 32.45 -15.21 3.47
N GLY A 306 32.37 -15.38 2.16
CA GLY A 306 33.37 -16.15 1.47
C GLY A 306 33.13 -17.63 1.32
N GLY A 307 31.87 -18.06 1.36
CA GLY A 307 31.52 -19.40 0.96
C GLY A 307 31.15 -20.37 2.07
N GLY A 308 31.14 -19.94 3.33
CA GLY A 308 30.73 -20.84 4.40
C GLY A 308 30.90 -20.29 5.80
N PHE A 309 30.00 -20.65 6.71
CA PHE A 309 30.16 -20.30 8.11
C PHE A 309 29.50 -21.37 8.96
N LEU A 310 29.85 -21.37 10.25
CA LEU A 310 29.50 -22.43 11.19
C LEU A 310 28.78 -21.82 12.37
N TYR A 311 27.66 -22.42 12.77
CA TYR A 311 26.94 -21.87 13.92
C TYR A 311 26.10 -22.94 14.59
N SER A 312 25.67 -22.64 15.81
CA SER A 312 24.92 -23.56 16.64
C SER A 312 23.45 -23.59 16.21
N GLY A 313 22.81 -24.74 16.43
CA GLY A 313 21.38 -24.85 16.13
C GLY A 313 20.54 -23.93 17.00
N HIS A 314 20.94 -23.76 18.26
CA HIS A 314 20.24 -22.83 19.15
C HIS A 314 20.23 -21.42 18.58
N LEU A 315 21.36 -21.00 18.00
CA LEU A 315 21.42 -19.70 17.34
C LEU A 315 20.68 -19.71 16.00
N ALA A 316 20.56 -20.87 15.35
CA ALA A 316 19.80 -20.94 14.11
C ALA A 316 18.32 -20.62 14.36
N LEU A 317 17.74 -21.23 15.40
CA LEU A 317 16.32 -21.01 15.67
C LEU A 317 16.06 -19.56 16.09
N ARG A 318 17.00 -18.97 16.82
CA ARG A 318 16.87 -17.55 17.14
C ARG A 318 17.08 -16.69 15.91
N LEU A 319 17.89 -17.17 14.95
CA LEU A 319 18.09 -16.43 13.71
C LEU A 319 16.82 -16.41 12.87
N TYR A 320 16.14 -17.55 12.77
CA TYR A 320 14.92 -17.57 11.95
C TYR A 320 13.86 -16.64 12.53
N HIS A 321 13.70 -16.64 13.85
CA HIS A 321 12.68 -15.79 14.46
C HIS A 321 12.94 -14.31 14.20
N ILE A 322 14.21 -13.90 14.09
CA ILE A 322 14.51 -12.50 13.85
C ILE A 322 14.42 -12.14 12.36
N THR A 323 14.43 -13.13 11.45
CA THR A 323 14.33 -12.83 10.02
C THR A 323 13.09 -12.01 9.71
N ASP A 324 11.99 -12.27 10.41
CA ASP A 324 10.76 -11.49 10.23
C ASP A 324 10.95 -9.99 10.44
N GLN A 325 12.08 -9.56 11.02
CA GLN A 325 12.27 -8.18 11.45
C GLN A 325 13.43 -7.49 10.75
N VAL A 326 13.97 -8.08 9.69
CA VAL A 326 14.94 -7.44 8.81
C VAL A 326 14.48 -7.65 7.38
N HIS A 327 14.37 -6.55 6.63
CA HIS A 327 14.06 -6.64 5.21
C HIS A 327 15.15 -7.42 4.49
N LEU A 328 14.74 -8.26 3.55
CA LEU A 328 15.69 -9.01 2.74
C LEU A 328 16.66 -8.06 2.05
N TYR A 329 17.91 -8.48 1.94
CA TYR A 329 18.95 -7.69 1.33
C TYR A 329 19.55 -8.44 0.14
N PRO A 330 19.90 -7.75 -0.95
CA PRO A 330 20.34 -8.47 -2.17
C PRO A 330 21.60 -9.30 -1.98
N ILE A 331 22.35 -9.12 -0.91
CA ILE A 331 23.56 -9.89 -0.66
C ILE A 331 23.31 -10.73 0.58
N ASP A 332 23.30 -12.05 0.42
CA ASP A 332 22.80 -12.93 1.48
C ASP A 332 23.71 -12.92 2.70
N ASP A 333 25.02 -12.98 2.50
CA ASP A 333 25.93 -12.95 3.64
C ASP A 333 25.75 -11.68 4.46
N VAL A 334 25.62 -10.54 3.80
CA VAL A 334 25.35 -9.28 4.50
C VAL A 334 24.04 -9.37 5.28
N TYR A 335 23.04 -10.05 4.70
CA TYR A 335 21.74 -10.13 5.38
C TYR A 335 21.85 -10.90 6.69
N THR A 336 22.61 -12.00 6.69
CA THR A 336 22.77 -12.77 7.93
C THR A 336 23.49 -11.95 8.99
N GLY A 337 24.44 -11.10 8.59
CA GLY A 337 25.09 -10.23 9.55
C GLY A 337 24.15 -9.17 10.11
N MET A 338 23.26 -8.64 9.25
CA MET A 338 22.28 -7.67 9.73
C MET A 338 21.33 -8.30 10.74
N CYS A 339 20.99 -9.57 10.55
CA CYS A 339 20.22 -10.28 11.56
C CYS A 339 21.05 -10.52 12.82
N LEU A 340 22.32 -10.90 12.66
CA LEU A 340 23.20 -11.09 13.80
C LEU A 340 23.25 -9.85 14.68
N GLN A 341 23.53 -8.70 14.06
CA GLN A 341 23.68 -7.46 14.82
C GLN A 341 22.40 -7.08 15.54
N LYS A 342 21.24 -7.32 14.92
CA LYS A 342 19.98 -6.98 15.57
C LYS A 342 19.72 -7.85 16.79
N LEU A 343 20.28 -9.07 16.81
CA LEU A 343 20.27 -9.86 18.03
C LEU A 343 21.35 -9.42 19.02
N GLY A 344 22.11 -8.38 18.69
CA GLY A 344 23.22 -7.94 19.52
C GLY A 344 24.36 -8.93 19.50
N LEU A 345 24.75 -9.36 18.31
CA LEU A 345 25.79 -10.37 18.14
C LEU A 345 26.81 -9.89 17.11
N VAL A 346 28.07 -10.17 17.37
CA VAL A 346 29.17 -9.87 16.46
C VAL A 346 29.72 -11.20 15.96
N PRO A 347 29.78 -11.42 14.64
CA PRO A 347 30.26 -12.71 14.14
C PRO A 347 31.72 -12.93 14.51
N GLU A 348 32.02 -14.17 14.92
CA GLU A 348 33.31 -14.51 15.50
C GLU A 348 34.27 -14.97 14.39
N LYS A 349 35.14 -14.06 13.96
CA LYS A 349 36.12 -14.38 12.92
C LYS A 349 36.95 -15.58 13.33
N HIS A 350 37.41 -16.36 12.33
CA HIS A 350 38.16 -17.56 12.63
C HIS A 350 39.25 -17.80 11.61
N LYS A 351 40.33 -18.42 12.09
CA LYS A 351 41.55 -18.61 11.31
C LYS A 351 41.35 -19.52 10.12
N GLY A 352 40.63 -20.63 10.31
CA GLY A 352 40.54 -21.73 9.36
C GLY A 352 39.57 -21.58 8.21
N PHE A 353 38.96 -20.41 8.02
CA PHE A 353 38.04 -20.21 6.90
C PHE A 353 38.81 -19.49 5.78
N ARG A 354 39.38 -20.28 4.86
CA ARG A 354 40.25 -19.76 3.80
C ARG A 354 39.40 -19.37 2.59
N THR A 355 38.81 -18.17 2.69
CA THR A 355 37.97 -17.67 1.61
C THR A 355 38.79 -17.41 0.35
N PHE A 356 40.06 -17.04 0.49
CA PHE A 356 40.91 -16.67 -0.65
C PHE A 356 42.03 -17.69 -0.89
N ASP A 357 41.74 -18.98 -0.63
CA ASP A 357 42.62 -20.12 -0.89
C ASP A 357 43.74 -20.25 0.14
N ILE A 358 44.87 -20.82 -0.26
CA ILE A 358 45.93 -21.26 0.64
C ILE A 358 47.27 -20.74 0.11
N GLU A 359 48.35 -21.02 0.85
CA GLU A 359 49.72 -20.60 0.54
C GLU A 359 49.99 -20.45 -0.95
N GLU A 360 49.85 -19.22 -1.43
CA GLU A 360 49.66 -18.84 -2.83
C GLU A 360 49.39 -20.04 -3.75
N LYS A 361 50.42 -20.81 -4.10
CA LYS A 361 50.29 -21.93 -5.00
C LYS A 361 50.77 -23.24 -4.40
N ASN A 362 51.47 -23.23 -3.27
CA ASN A 362 51.92 -24.46 -2.64
C ASN A 362 50.75 -25.13 -1.92
N LYS A 363 49.62 -25.27 -2.62
CA LYS A 363 48.50 -26.08 -2.16
C LYS A 363 48.73 -27.55 -2.36
N ASN A 364 49.93 -27.94 -2.81
CA ASN A 364 50.24 -29.30 -3.20
C ASN A 364 50.64 -30.16 -2.01
N ASN A 365 50.34 -29.73 -0.79
CA ASN A 365 50.69 -30.49 0.41
C ASN A 365 49.43 -30.69 1.23
N ILE A 366 49.07 -31.96 1.46
CA ILE A 366 47.86 -32.30 2.19
C ILE A 366 47.83 -31.65 3.57
N CYS A 367 49.00 -31.41 4.16
CA CYS A 367 49.06 -31.01 5.56
C CYS A 367 48.69 -29.54 5.77
N SER A 368 48.64 -28.75 4.69
CA SER A 368 48.04 -27.43 4.79
C SER A 368 46.53 -27.49 5.00
N TYR A 369 45.91 -28.65 4.75
CA TYR A 369 44.48 -28.84 4.87
C TYR A 369 44.06 -29.50 6.19
N VAL A 370 45.01 -29.81 7.07
CA VAL A 370 44.66 -30.55 8.29
C VAL A 370 44.06 -29.63 9.34
N ASP A 371 44.47 -28.37 9.39
CA ASP A 371 44.04 -27.46 10.46
C ASP A 371 42.99 -26.46 10.02
N LEU A 372 42.79 -26.27 8.72
CA LEU A 372 41.79 -25.33 8.26
C LEU A 372 40.40 -25.96 8.27
N MET A 373 39.39 -25.10 8.21
CA MET A 373 38.01 -25.55 8.21
C MET A 373 37.39 -25.57 6.81
N LEU A 374 37.76 -24.65 5.93
CA LEU A 374 37.34 -24.72 4.54
C LEU A 374 38.28 -23.91 3.67
N VAL A 375 38.30 -24.27 2.38
CA VAL A 375 39.06 -23.57 1.35
C VAL A 375 38.12 -23.25 0.20
N HIS A 376 38.17 -22.02 -0.29
CA HIS A 376 37.49 -21.62 -1.52
C HIS A 376 38.56 -21.20 -2.53
N SER A 377 38.48 -21.76 -3.74
CA SER A 377 37.50 -22.69 -4.27
C SER A 377 38.15 -23.96 -4.81
N ARG A 378 37.34 -25.02 -4.96
CA ARG A 378 37.84 -26.29 -5.47
C ARG A 378 36.81 -26.94 -6.38
N LYS A 379 37.30 -27.57 -7.44
CA LYS A 379 36.46 -28.28 -8.41
C LYS A 379 36.07 -29.64 -7.86
N PRO A 380 35.02 -30.26 -8.44
CA PRO A 380 34.59 -31.58 -7.94
C PRO A 380 35.71 -32.61 -7.86
N GLN A 381 36.56 -32.68 -8.89
CA GLN A 381 37.69 -33.60 -8.86
C GLN A 381 38.63 -33.28 -7.71
N GLU A 382 38.85 -32.00 -7.44
CA GLU A 382 39.79 -31.61 -6.39
C GLU A 382 39.23 -31.94 -5.00
N MET A 383 37.91 -31.83 -4.83
CA MET A 383 37.30 -32.16 -3.54
C MET A 383 37.53 -33.62 -3.18
N ILE A 384 37.20 -34.52 -4.11
CA ILE A 384 37.35 -35.95 -3.86
C ILE A 384 38.81 -36.31 -3.61
N ASP A 385 39.72 -35.65 -4.34
CA ASP A 385 41.12 -36.02 -4.27
C ASP A 385 41.76 -35.56 -2.97
N ILE A 386 41.35 -34.38 -2.48
CA ILE A 386 41.88 -33.89 -1.20
C ILE A 386 41.34 -34.74 -0.05
N TRP A 387 40.01 -34.95 -0.04
CA TRP A 387 39.41 -35.82 0.96
C TRP A 387 40.10 -37.18 1.00
N SER A 388 40.39 -37.74 -0.18
CA SER A 388 41.04 -39.05 -0.25
C SER A 388 42.41 -39.03 0.42
N GLN A 389 43.19 -37.97 0.17
CA GLN A 389 44.51 -37.86 0.79
C GLN A 389 44.38 -37.54 2.27
N LEU A 390 43.41 -36.70 2.64
CA LEU A 390 43.19 -36.34 4.03
C LEU A 390 43.00 -37.58 4.90
N GLN A 391 42.35 -38.61 4.36
CA GLN A 391 42.01 -39.79 5.14
C GLN A 391 43.23 -40.47 5.76
N SER A 392 44.42 -40.27 5.19
CA SER A 392 45.65 -40.84 5.74
C SER A 392 46.63 -39.75 6.18
N ALA A 393 46.15 -38.52 6.34
CA ALA A 393 47.02 -37.42 6.75
C ALA A 393 47.47 -37.52 8.20
N HIS A 394 46.80 -38.34 9.02
CA HIS A 394 47.27 -38.56 10.37
C HIS A 394 48.57 -39.37 10.41
N LEU A 395 48.85 -40.15 9.36
CA LEU A 395 50.07 -40.97 9.28
C LEU A 395 51.23 -40.24 8.63
N LYS A 396 51.01 -39.09 8.01
CA LYS A 396 52.02 -38.48 7.16
C LYS A 396 52.29 -37.00 7.43
N CYS A 397 51.59 -36.36 8.37
CA CYS A 397 51.93 -35.00 8.78
C CYS A 397 51.96 -34.87 10.29
N GLU B 56 -30.74 46.66 -2.96
CA GLU B 56 -30.29 46.94 -4.32
C GLU B 56 -30.24 45.66 -5.14
N ALA B 57 -29.43 44.70 -4.69
CA ALA B 57 -29.35 43.42 -5.37
C ALA B 57 -30.58 42.58 -5.06
N TYR B 58 -31.08 41.88 -6.08
CA TYR B 58 -32.38 41.23 -5.96
C TYR B 58 -32.37 40.14 -4.89
N TRP B 59 -31.33 39.30 -4.86
CA TRP B 59 -31.30 38.22 -3.88
C TRP B 59 -31.21 38.75 -2.45
N ASN B 60 -30.38 39.76 -2.22
CA ASN B 60 -30.28 40.35 -0.89
C ASN B 60 -31.61 40.95 -0.47
N ARG B 61 -32.31 41.61 -1.39
CA ARG B 61 -33.58 42.24 -1.04
C ARG B 61 -34.65 41.19 -0.76
N GLU B 62 -34.62 40.07 -1.47
CA GLU B 62 -35.61 39.03 -1.22
C GLU B 62 -35.29 38.27 0.06
N GLN B 63 -34.00 38.05 0.35
CA GLN B 63 -33.64 37.33 1.56
C GLN B 63 -33.99 38.14 2.80
N GLU B 64 -33.80 39.46 2.75
CA GLU B 64 -34.16 40.30 3.89
C GLU B 64 -35.68 40.36 4.06
N LYS B 65 -36.43 40.32 2.97
CA LYS B 65 -37.89 40.18 3.08
C LYS B 65 -38.24 38.87 3.76
N LEU B 66 -37.51 37.81 3.45
CA LEU B 66 -37.72 36.53 4.13
C LEU B 66 -37.30 36.61 5.59
N ASN B 67 -36.22 37.35 5.88
CA ASN B 67 -35.77 37.49 7.26
C ASN B 67 -36.80 38.18 8.13
N ARG B 68 -37.60 39.09 7.55
CA ARG B 68 -38.61 39.79 8.33
C ARG B 68 -39.69 38.83 8.81
N GLN B 69 -40.16 37.94 7.94
CA GLN B 69 -41.24 37.03 8.29
C GLN B 69 -40.79 35.88 9.19
N TYR B 70 -39.48 35.69 9.38
CA TYR B 70 -38.98 34.68 10.27
C TYR B 70 -38.40 35.23 11.57
N ASN B 71 -38.26 36.55 11.68
CA ASN B 71 -37.62 37.17 12.84
C ASN B 71 -38.51 38.31 13.35
N PRO B 72 -39.30 38.08 14.39
CA PRO B 72 -40.15 39.14 14.92
C PRO B 72 -39.43 40.43 15.29
N ILE B 73 -38.14 40.38 15.63
CA ILE B 73 -37.45 41.59 16.07
C ILE B 73 -37.12 42.49 14.89
N LEU B 74 -37.52 42.09 13.69
CA LEU B 74 -37.38 42.93 12.52
C LEU B 74 -38.65 43.67 12.16
N SER B 75 -39.77 43.34 12.81
CA SER B 75 -41.04 44.01 12.54
C SER B 75 -41.02 45.45 13.06
N SER B 91 -44.99 29.75 -0.45
CA SER B 91 -45.12 30.84 -1.41
C SER B 91 -43.74 31.24 -1.90
N HIS B 92 -42.75 31.18 -1.01
CA HIS B 92 -41.36 31.13 -1.41
C HIS B 92 -40.83 29.70 -1.41
N LEU B 93 -41.73 28.72 -1.32
CA LEU B 93 -41.35 27.32 -1.18
C LEU B 93 -42.11 26.44 -2.16
N ASN B 94 -43.36 26.81 -2.48
CA ASN B 94 -44.20 25.98 -3.34
C ASN B 94 -44.89 26.81 -4.42
N TYR B 95 -44.29 27.91 -4.86
CA TYR B 95 -44.85 28.71 -5.95
C TYR B 95 -44.08 28.35 -7.22
N CYS B 96 -44.72 27.59 -8.10
CA CYS B 96 -44.02 26.91 -9.19
C CYS B 96 -44.48 27.36 -10.57
N GLU B 97 -45.07 28.52 -10.66
CA GLU B 97 -45.27 29.23 -11.91
C GLU B 97 -44.34 30.43 -11.94
N PRO B 98 -44.01 30.96 -13.12
CA PRO B 98 -42.97 31.99 -13.20
C PRO B 98 -43.35 33.25 -12.42
N ASP B 99 -42.42 33.68 -11.57
CA ASP B 99 -42.54 34.95 -10.83
C ASP B 99 -42.16 36.07 -11.79
N LEU B 100 -43.15 36.57 -12.53
CA LEU B 100 -42.87 37.49 -13.63
C LEU B 100 -42.43 38.87 -13.15
N ARG B 101 -42.59 39.18 -11.87
CA ARG B 101 -42.19 40.48 -11.36
C ARG B 101 -40.70 40.73 -11.55
N VAL B 102 -39.91 39.65 -11.68
CA VAL B 102 -38.46 39.80 -11.82
C VAL B 102 -38.12 40.58 -13.09
N THR B 103 -38.88 40.36 -14.16
CA THR B 103 -38.58 41.02 -15.43
C THR B 103 -38.63 42.54 -15.29
N SER B 104 -39.49 43.05 -14.41
CA SER B 104 -39.61 44.49 -14.21
C SER B 104 -38.83 45.00 -13.00
N VAL B 105 -38.39 44.11 -12.10
CA VAL B 105 -37.76 44.55 -10.87
C VAL B 105 -36.24 44.39 -10.95
N VAL B 106 -35.78 43.40 -11.71
CA VAL B 106 -34.35 43.19 -11.92
C VAL B 106 -33.95 44.02 -13.13
N THR B 107 -33.14 45.05 -12.90
CA THR B 107 -32.73 45.93 -13.99
C THR B 107 -31.79 45.18 -14.93
N GLY B 108 -32.18 45.05 -16.19
CA GLY B 108 -31.41 44.31 -17.15
C GLY B 108 -31.78 42.86 -17.28
N PHE B 109 -33.04 42.49 -17.01
CA PHE B 109 -33.41 41.09 -16.92
C PHE B 109 -33.24 40.38 -18.26
N ASN B 110 -33.81 40.93 -19.33
CA ASN B 110 -33.87 40.22 -20.60
C ASN B 110 -32.53 40.13 -21.31
N ASN B 111 -31.47 40.72 -20.77
CA ASN B 111 -30.14 40.61 -21.34
C ASN B 111 -29.18 39.82 -20.45
N LEU B 112 -29.72 39.11 -19.46
CA LEU B 112 -28.93 38.18 -18.66
C LEU B 112 -28.87 36.82 -19.34
N PRO B 113 -27.87 36.01 -19.01
CA PRO B 113 -27.84 34.64 -19.53
C PRO B 113 -29.08 33.86 -19.11
N ASP B 114 -29.42 32.86 -19.93
CA ASP B 114 -30.63 32.08 -19.69
C ASP B 114 -30.65 31.44 -18.32
N ARG B 115 -29.48 31.03 -17.80
CA ARG B 115 -29.44 30.37 -16.51
C ARG B 115 -29.86 31.31 -15.39
N PHE B 116 -29.60 32.61 -15.53
CA PHE B 116 -30.06 33.57 -14.53
C PHE B 116 -31.55 33.81 -14.65
N LYS B 117 -32.08 33.82 -15.88
CA LYS B 117 -33.50 34.06 -16.08
C LYS B 117 -34.34 32.96 -15.46
N ASP B 118 -34.04 31.71 -15.78
CA ASP B 118 -34.78 30.59 -15.20
C ASP B 118 -34.63 30.55 -13.69
N PHE B 119 -33.45 30.91 -13.19
CA PHE B 119 -33.22 30.92 -11.74
C PHE B 119 -34.14 31.92 -11.05
N LEU B 120 -34.15 33.17 -11.52
CA LEU B 120 -35.02 34.18 -10.93
C LEU B 120 -36.49 33.85 -11.14
N LEU B 121 -36.83 33.29 -12.31
CA LEU B 121 -38.23 33.05 -12.63
C LEU B 121 -38.85 32.00 -11.71
N TYR B 122 -38.08 30.97 -11.36
CA TYR B 122 -38.60 29.84 -10.61
C TYR B 122 -37.90 29.68 -9.27
N LEU B 123 -37.45 30.79 -8.68
CA LEU B 123 -36.75 30.74 -7.40
C LEU B 123 -37.63 30.15 -6.30
N ARG B 124 -38.92 30.46 -6.31
CA ARG B 124 -39.81 30.13 -5.22
C ARG B 124 -40.45 28.76 -5.36
N CYS B 125 -39.85 27.87 -6.15
CA CYS B 125 -40.34 26.51 -6.33
C CYS B 125 -39.28 25.52 -5.88
N ARG B 126 -39.58 24.77 -4.82
CA ARG B 126 -38.68 23.72 -4.36
C ARG B 126 -39.40 22.45 -3.94
N ASN B 127 -40.73 22.35 -4.13
CA ASN B 127 -41.47 21.16 -3.74
C ASN B 127 -41.48 20.17 -4.90
N TYR B 128 -40.30 19.63 -5.18
CA TYR B 128 -40.12 18.60 -6.19
C TYR B 128 -40.11 17.22 -5.53
N SER B 129 -40.42 16.21 -6.33
CA SER B 129 -40.65 14.87 -5.83
C SER B 129 -39.65 13.87 -6.40
N LEU B 130 -39.46 12.78 -5.66
CA LEU B 130 -38.55 11.72 -6.06
C LEU B 130 -39.20 10.87 -7.14
N LEU B 131 -38.51 10.71 -8.28
CA LEU B 131 -38.96 9.81 -9.32
C LEU B 131 -38.34 8.42 -9.17
N ILE B 132 -37.15 8.33 -8.62
CA ILE B 132 -36.52 7.07 -8.25
C ILE B 132 -35.98 7.22 -6.84
N ASP B 133 -36.39 6.34 -5.94
CA ASP B 133 -35.94 6.37 -4.55
C ASP B 133 -35.49 4.98 -4.12
N GLN B 134 -34.61 4.96 -3.12
CA GLN B 134 -34.25 3.75 -2.38
C GLN B 134 -34.54 4.04 -0.91
N PRO B 135 -35.82 4.06 -0.52
CA PRO B 135 -36.16 4.47 0.85
C PRO B 135 -35.66 3.50 1.91
N ASP B 136 -35.21 2.32 1.51
CA ASP B 136 -34.62 1.35 2.42
C ASP B 136 -33.10 1.47 2.48
N LYS B 137 -32.51 2.46 1.80
CA LYS B 137 -31.07 2.66 1.81
C LYS B 137 -30.49 2.72 3.22
N CYS B 138 -31.30 3.12 4.20
CA CYS B 138 -30.86 3.30 5.58
C CYS B 138 -31.65 2.43 6.53
N ALA B 139 -31.90 1.18 6.14
CA ALA B 139 -32.56 0.21 7.01
C ALA B 139 -31.66 -0.22 8.17
N LYS B 140 -30.40 0.19 8.17
CA LYS B 140 -29.47 -0.08 9.26
C LYS B 140 -28.72 1.21 9.53
N LYS B 141 -28.86 1.75 10.75
CA LYS B 141 -28.28 3.03 11.16
C LYS B 141 -26.87 3.21 10.62
N PRO B 142 -26.69 3.97 9.54
CA PRO B 142 -25.37 4.02 8.91
C PRO B 142 -24.44 4.87 9.73
N PHE B 143 -23.16 4.46 9.78
CA PHE B 143 -22.15 5.34 10.35
C PHE B 143 -21.77 6.44 9.36
N LEU B 144 -21.84 6.15 8.06
CA LEU B 144 -21.48 7.11 7.03
C LEU B 144 -22.43 6.96 5.86
N LEU B 145 -23.09 8.04 5.49
CA LEU B 145 -23.89 8.13 4.27
C LEU B 145 -23.05 8.79 3.20
N LEU B 146 -22.81 8.07 2.10
CA LEU B 146 -22.09 8.60 0.95
C LEU B 146 -23.11 9.10 -0.05
N ALA B 147 -23.16 10.42 -0.24
CA ALA B 147 -24.09 11.06 -1.16
C ALA B 147 -23.29 11.77 -2.25
N ILE B 148 -23.37 11.24 -3.46
CA ILE B 148 -22.50 11.69 -4.56
C ILE B 148 -23.37 12.35 -5.61
N LYS B 149 -23.13 13.63 -5.86
CA LYS B 149 -23.80 14.33 -6.94
C LYS B 149 -23.37 13.75 -8.28
N SER B 150 -24.33 13.55 -9.17
CA SER B 150 -24.04 13.00 -10.49
C SER B 150 -25.07 13.49 -11.49
N LEU B 151 -24.70 13.45 -12.76
CA LEU B 151 -25.61 13.70 -13.87
C LEU B 151 -25.89 12.38 -14.56
N THR B 152 -27.07 12.31 -15.20
CA THR B 152 -27.52 11.10 -15.89
C THR B 152 -26.47 10.39 -16.74
N PRO B 153 -25.73 11.06 -17.64
CA PRO B 153 -24.82 10.32 -18.52
C PRO B 153 -23.52 9.87 -17.87
N HIS B 154 -23.33 10.12 -16.58
CA HIS B 154 -22.04 9.84 -15.96
C HIS B 154 -21.94 8.41 -15.46
N PHE B 155 -22.16 7.43 -16.34
CA PHE B 155 -22.16 6.04 -15.93
C PHE B 155 -20.77 5.57 -15.51
N ALA B 156 -19.73 6.03 -16.19
CA ALA B 156 -18.37 5.59 -15.84
C ALA B 156 -17.94 6.13 -14.49
N ARG B 157 -18.25 7.40 -14.20
CA ARG B 157 -17.88 7.96 -12.90
C ARG B 157 -18.58 7.23 -11.77
N ARG B 158 -19.87 6.93 -11.94
CA ARG B 158 -20.62 6.26 -10.89
C ARG B 158 -20.11 4.84 -10.64
N GLN B 159 -19.81 4.10 -11.71
CA GLN B 159 -19.41 2.70 -11.56
C GLN B 159 -18.03 2.58 -10.93
N ALA B 160 -17.12 3.51 -11.23
CA ALA B 160 -15.79 3.47 -10.60
C ALA B 160 -15.90 3.79 -9.11
N ILE B 161 -16.80 4.70 -8.73
CA ILE B 161 -17.06 4.96 -7.32
C ILE B 161 -17.60 3.70 -6.64
N ARG B 162 -18.57 3.05 -7.29
CA ARG B 162 -19.13 1.82 -6.75
C ARG B 162 -18.04 0.78 -6.51
N GLU B 163 -17.09 0.66 -7.43
CA GLU B 163 -16.06 -0.36 -7.33
C GLU B 163 -14.94 0.05 -6.38
N SER B 164 -14.66 1.34 -6.25
CA SER B 164 -13.54 1.79 -5.45
C SER B 164 -14.01 2.38 -4.12
N TRP B 165 -13.83 3.69 -3.93
CA TRP B 165 -13.99 4.26 -2.60
C TRP B 165 -15.44 4.31 -2.13
N GLY B 166 -16.40 4.23 -3.04
CA GLY B 166 -17.79 4.30 -2.65
C GLY B 166 -18.41 2.95 -2.32
N GLN B 167 -17.58 1.96 -2.07
CA GLN B 167 -18.10 0.64 -1.71
C GLN B 167 -18.89 0.71 -0.41
N GLU B 168 -20.02 0.01 -0.38
CA GLU B 168 -20.74 -0.14 0.87
C GLU B 168 -20.04 -1.17 1.76
N SER B 169 -20.31 -1.09 3.06
CA SER B 169 -19.63 -1.95 4.02
C SER B 169 -20.60 -2.54 5.04
N GLN B 174 -20.12 0.13 12.24
CA GLN B 174 -19.70 1.21 11.35
C GLN B 174 -20.04 0.88 9.90
N THR B 175 -21.30 1.12 9.53
CA THR B 175 -21.81 0.79 8.21
C THR B 175 -21.70 2.00 7.28
N VAL B 176 -21.33 1.74 6.03
CA VAL B 176 -21.23 2.76 5.00
C VAL B 176 -22.27 2.46 3.92
N VAL B 177 -23.02 3.49 3.53
CA VAL B 177 -24.08 3.36 2.54
C VAL B 177 -23.90 4.45 1.48
N ARG B 178 -24.36 4.17 0.25
CA ARG B 178 -24.07 5.02 -0.89
C ARG B 178 -25.35 5.38 -1.65
N VAL B 179 -25.49 6.67 -1.97
CA VAL B 179 -26.52 7.14 -2.89
C VAL B 179 -25.86 8.07 -3.91
N PHE B 180 -26.42 8.08 -5.11
CA PHE B 180 -26.08 9.08 -6.12
C PHE B 180 -27.28 10.00 -6.30
N LEU B 181 -27.02 11.31 -6.28
CA LEU B 181 -28.08 12.32 -6.31
C LEU B 181 -28.19 12.87 -7.73
N LEU B 182 -29.32 12.61 -8.37
CA LEU B 182 -29.54 13.00 -9.75
C LEU B 182 -30.78 13.87 -9.88
N GLY B 183 -30.73 14.83 -10.78
CA GLY B 183 -31.91 15.47 -11.31
C GLY B 183 -32.27 14.90 -12.66
N GLN B 184 -33.10 15.64 -13.40
CA GLN B 184 -33.59 15.18 -14.68
C GLN B 184 -32.82 15.85 -15.82
N THR B 185 -32.48 15.06 -16.83
CA THR B 185 -31.92 15.57 -18.08
C THR B 185 -32.93 15.30 -19.19
N PRO B 186 -33.97 16.13 -19.30
CA PRO B 186 -35.14 15.75 -20.11
C PRO B 186 -34.91 15.99 -21.58
N PRO B 187 -35.71 15.34 -22.44
CA PRO B 187 -35.51 15.49 -23.89
C PRO B 187 -35.87 16.87 -24.43
N GLU B 188 -36.84 17.56 -23.83
CA GLU B 188 -37.17 18.90 -24.28
C GLU B 188 -35.95 19.82 -24.25
N ASP B 189 -35.01 19.56 -23.33
CA ASP B 189 -33.74 20.26 -23.29
C ASP B 189 -32.68 19.57 -24.15
N ASN B 190 -33.10 18.70 -25.07
CA ASN B 190 -32.24 18.10 -26.09
C ASN B 190 -31.19 17.16 -25.52
N HIS B 191 -31.40 16.63 -24.31
CA HIS B 191 -30.49 15.63 -23.79
C HIS B 191 -30.77 14.29 -24.45
N PRO B 192 -29.74 13.44 -24.62
CA PRO B 192 -29.98 12.12 -25.19
C PRO B 192 -30.78 11.25 -24.23
N ASP B 193 -31.72 10.50 -24.79
CA ASP B 193 -32.57 9.63 -23.98
C ASP B 193 -31.72 8.48 -23.45
N LEU B 194 -31.35 8.57 -22.17
CA LEU B 194 -30.63 7.52 -21.48
C LEU B 194 -31.48 6.90 -20.38
N SER B 195 -32.80 7.07 -20.44
CA SER B 195 -33.67 6.73 -19.33
C SER B 195 -33.71 5.22 -19.07
N ASP B 196 -33.74 4.41 -20.13
CA ASP B 196 -33.86 2.97 -19.95
C ASP B 196 -32.57 2.35 -19.42
N MET B 197 -31.43 2.93 -19.75
CA MET B 197 -30.17 2.50 -19.15
C MET B 197 -30.03 2.95 -17.71
N LEU B 198 -30.73 4.02 -17.32
CA LEU B 198 -30.66 4.47 -15.94
C LEU B 198 -31.50 3.58 -15.02
N LYS B 199 -32.71 3.22 -15.45
CA LYS B 199 -33.50 2.31 -14.64
C LYS B 199 -32.86 0.93 -14.57
N PHE B 200 -32.26 0.48 -15.68
CA PHE B 200 -31.44 -0.73 -15.63
C PHE B 200 -30.31 -0.58 -14.61
N GLU B 201 -29.63 0.57 -14.63
CA GLU B 201 -28.60 0.82 -13.62
C GLU B 201 -29.22 0.92 -12.23
N SER B 202 -30.37 1.57 -12.11
CA SER B 202 -31.02 1.68 -10.82
C SER B 202 -31.43 0.33 -10.27
N GLU B 203 -31.95 -0.55 -11.13
CA GLU B 203 -32.38 -1.87 -10.66
C GLU B 203 -31.19 -2.69 -10.16
N LYS B 204 -30.08 -2.66 -10.89
CA LYS B 204 -28.95 -3.53 -10.55
C LYS B 204 -28.26 -3.06 -9.28
N HIS B 205 -27.95 -1.77 -9.19
CA HIS B 205 -27.16 -1.26 -8.08
C HIS B 205 -27.97 -0.60 -6.98
N GLN B 206 -29.16 -0.08 -7.30
CA GLN B 206 -30.10 0.42 -6.30
C GLN B 206 -29.47 1.50 -5.42
N ASP B 207 -28.74 2.43 -6.03
CA ASP B 207 -28.14 3.53 -5.30
C ASP B 207 -28.39 4.86 -6.00
N ILE B 208 -29.49 4.97 -6.75
CA ILE B 208 -29.80 6.15 -7.55
C ILE B 208 -31.00 6.84 -6.94
N LEU B 209 -30.83 8.10 -6.56
CA LEU B 209 -31.91 8.97 -6.16
C LEU B 209 -32.09 10.03 -7.23
N MET B 210 -33.27 10.09 -7.83
CA MET B 210 -33.57 11.10 -8.84
C MET B 210 -34.86 11.82 -8.51
N TRP B 211 -34.81 13.16 -8.59
CA TRP B 211 -35.95 14.05 -8.42
C TRP B 211 -36.40 14.58 -9.78
N ASN B 212 -37.59 15.16 -9.80
CA ASN B 212 -38.19 15.63 -11.05
C ASN B 212 -37.98 17.12 -11.28
N TYR B 213 -36.73 17.57 -11.15
CA TYR B 213 -36.33 18.92 -11.49
C TYR B 213 -35.18 18.86 -12.49
N ARG B 214 -35.01 19.96 -13.24
CA ARG B 214 -33.98 20.01 -14.27
C ARG B 214 -32.60 20.12 -13.61
N ASP B 215 -31.78 19.08 -13.77
CA ASP B 215 -30.44 19.04 -13.19
C ASP B 215 -29.51 19.96 -13.94
N THR B 216 -29.44 21.22 -13.51
CA THR B 216 -28.58 22.22 -14.15
C THR B 216 -27.63 22.82 -13.12
N PHE B 217 -26.68 23.60 -13.64
CA PHE B 217 -25.67 24.22 -12.79
C PHE B 217 -26.29 25.09 -11.71
N PHE B 218 -27.23 25.96 -12.10
CA PHE B 218 -27.83 26.91 -11.17
C PHE B 218 -28.99 26.33 -10.37
N ASN B 219 -29.34 25.06 -10.58
CA ASN B 219 -30.35 24.38 -9.78
C ASN B 219 -29.73 23.38 -8.82
N LEU B 220 -28.45 23.56 -8.48
CA LEU B 220 -27.77 22.63 -7.59
C LEU B 220 -28.14 22.88 -6.12
N SER B 221 -28.50 24.13 -5.78
CA SER B 221 -29.06 24.38 -4.46
C SER B 221 -30.30 23.53 -4.24
N LEU B 222 -31.06 23.29 -5.32
CA LEU B 222 -32.19 22.36 -5.24
C LEU B 222 -31.71 20.96 -4.90
N LYS B 223 -30.63 20.51 -5.56
CA LYS B 223 -30.09 19.19 -5.28
C LYS B 223 -29.70 19.05 -3.81
N GLU B 224 -29.20 20.12 -3.22
CA GLU B 224 -28.78 20.07 -1.82
C GLU B 224 -30.00 20.06 -0.89
N VAL B 225 -30.98 20.92 -1.13
CA VAL B 225 -32.15 20.99 -0.26
C VAL B 225 -32.98 19.71 -0.38
N LEU B 226 -33.16 19.21 -1.61
CA LEU B 226 -33.93 17.98 -1.79
C LEU B 226 -33.20 16.78 -1.19
N PHE B 227 -31.87 16.79 -1.20
CA PHE B 227 -31.12 15.72 -0.53
C PHE B 227 -31.32 15.78 0.98
N LEU B 228 -31.14 16.97 1.56
CA LEU B 228 -31.32 17.12 3.01
C LEU B 228 -32.73 16.74 3.42
N ARG B 229 -33.73 17.00 2.56
CA ARG B 229 -35.07 16.50 2.82
C ARG B 229 -35.09 14.99 2.84
N TRP B 230 -34.46 14.35 1.85
CA TRP B 230 -34.42 12.89 1.82
C TRP B 230 -33.74 12.33 3.05
N VAL B 231 -32.67 12.99 3.51
CA VAL B 231 -32.00 12.56 4.73
C VAL B 231 -32.98 12.60 5.90
N SER B 232 -33.72 13.69 6.04
CA SER B 232 -34.59 13.83 7.20
C SER B 232 -35.78 12.88 7.12
N THR B 233 -36.16 12.46 5.91
CA THR B 233 -37.29 11.56 5.76
C THR B 233 -36.87 10.09 5.80
N SER B 234 -35.77 9.75 5.13
CA SER B 234 -35.43 8.36 4.90
C SER B 234 -34.07 7.96 5.47
N CYS B 235 -33.32 8.88 6.06
CA CYS B 235 -32.05 8.53 6.68
C CYS B 235 -31.72 9.45 7.85
N PRO B 236 -32.65 9.70 8.79
CA PRO B 236 -32.35 10.64 9.88
C PRO B 236 -31.41 10.07 10.92
N ASP B 237 -31.13 8.77 10.86
CA ASP B 237 -30.31 8.09 11.86
C ASP B 237 -28.82 8.18 11.58
N THR B 238 -28.42 8.28 10.31
CA THR B 238 -27.02 8.16 9.95
C THR B 238 -26.14 9.09 10.79
N GLU B 239 -25.12 8.50 11.40
CA GLU B 239 -24.21 9.28 12.25
C GLU B 239 -23.58 10.42 11.47
N PHE B 240 -23.08 10.14 10.27
CA PHE B 240 -22.34 11.13 9.51
C PHE B 240 -22.76 11.06 8.05
N VAL B 241 -22.51 12.17 7.35
CA VAL B 241 -22.86 12.33 5.95
C VAL B 241 -21.65 12.88 5.20
N PHE B 242 -21.42 12.38 4.00
CA PHE B 242 -20.47 12.98 3.07
C PHE B 242 -21.21 13.28 1.78
N LYS B 243 -21.22 14.56 1.38
CA LYS B 243 -21.74 14.98 0.09
C LYS B 243 -20.58 15.45 -0.78
N GLY B 244 -20.53 14.93 -2.01
CA GLY B 244 -19.42 15.26 -2.89
C GLY B 244 -19.79 15.07 -4.33
N ASP B 245 -18.83 15.40 -5.20
CA ASP B 245 -18.95 15.28 -6.63
C ASP B 245 -18.56 13.87 -7.08
N ASP B 246 -18.90 13.54 -8.32
CA ASP B 246 -18.58 12.23 -8.87
C ASP B 246 -17.26 12.19 -9.62
N ASP B 247 -16.49 13.29 -9.60
CA ASP B 247 -15.17 13.33 -10.19
C ASP B 247 -14.07 13.54 -9.15
N VAL B 248 -14.36 13.28 -7.88
CA VAL B 248 -13.40 13.43 -6.81
C VAL B 248 -13.07 12.06 -6.22
N PHE B 249 -11.80 11.81 -5.97
CA PHE B 249 -11.38 10.65 -5.19
C PHE B 249 -11.42 11.04 -3.72
N VAL B 250 -12.06 10.20 -2.90
CA VAL B 250 -12.07 10.40 -1.46
C VAL B 250 -11.58 9.13 -0.79
N ASN B 251 -10.74 9.27 0.23
CA ASN B 251 -10.19 8.15 0.98
C ASN B 251 -11.16 7.85 2.11
N THR B 252 -12.12 6.95 1.86
CA THR B 252 -13.11 6.62 2.86
C THR B 252 -12.52 5.88 4.05
N HIS B 253 -11.39 5.19 3.87
CA HIS B 253 -10.71 4.57 5.02
C HIS B 253 -10.21 5.64 5.98
N HIS B 254 -9.55 6.67 5.46
CA HIS B 254 -9.12 7.79 6.30
C HIS B 254 -10.28 8.67 6.73
N ILE B 255 -11.45 8.55 6.08
CA ILE B 255 -12.65 9.21 6.59
C ILE B 255 -13.06 8.59 7.92
N LEU B 256 -13.24 7.26 7.95
CA LEU B 256 -13.65 6.58 9.15
C LEU B 256 -12.62 6.69 10.27
N ASN B 257 -11.37 6.98 9.94
CA ASN B 257 -10.37 7.22 10.97
C ASN B 257 -10.44 8.65 11.51
N TYR B 258 -10.82 9.62 10.68
CA TYR B 258 -11.04 10.96 11.19
C TYR B 258 -12.28 11.02 12.06
N LEU B 259 -13.34 10.30 11.67
CA LEU B 259 -14.58 10.19 12.43
C LEU B 259 -14.39 9.59 13.82
N ASN B 260 -13.16 9.33 14.25
CA ASN B 260 -12.88 8.67 15.53
C ASN B 260 -11.74 9.30 16.31
N SER B 261 -10.96 10.19 15.71
CA SER B 261 -10.15 11.14 16.46
C SER B 261 -11.09 12.28 16.82
N LEU B 262 -12.32 11.91 17.17
CA LEU B 262 -13.47 12.80 17.17
C LEU B 262 -14.16 12.69 18.52
N SER B 263 -14.09 13.75 19.31
CA SER B 263 -14.85 13.79 20.56
C SER B 263 -16.34 13.64 20.26
N LYS B 264 -17.04 12.91 21.12
CA LYS B 264 -18.50 12.80 21.03
C LYS B 264 -19.12 14.19 21.13
N THR B 265 -18.30 15.18 21.51
CA THR B 265 -18.71 16.58 21.49
C THR B 265 -18.58 17.18 20.10
N LYS B 266 -17.41 17.03 19.45
CA LYS B 266 -17.22 17.64 18.14
C LYS B 266 -17.99 16.88 17.05
N ALA B 267 -18.25 15.60 17.27
CA ALA B 267 -19.06 14.79 16.36
C ALA B 267 -20.54 15.20 16.35
N LYS B 268 -20.91 16.24 17.09
CA LYS B 268 -22.27 16.75 17.16
C LYS B 268 -22.53 17.78 16.07
N ASP B 269 -21.65 18.77 15.94
CA ASP B 269 -21.85 19.93 15.08
C ASP B 269 -20.85 19.91 13.93
N LEU B 270 -20.39 18.72 13.57
CA LEU B 270 -19.28 18.58 12.64
C LEU B 270 -19.64 19.13 11.25
N PHE B 271 -18.76 19.96 10.70
CA PHE B 271 -18.84 20.37 9.31
C PHE B 271 -17.44 20.81 8.88
N ILE B 272 -16.78 20.00 8.06
CA ILE B 272 -15.45 20.32 7.60
C ILE B 272 -15.34 20.16 6.09
N GLY B 273 -14.48 20.99 5.51
CA GLY B 273 -14.15 20.91 4.10
C GLY B 273 -13.04 21.89 3.84
N ASP B 274 -12.89 22.28 2.58
CA ASP B 274 -11.99 23.38 2.25
C ASP B 274 -12.79 24.66 2.31
N VAL B 275 -12.75 25.31 3.46
CA VAL B 275 -13.55 26.51 3.71
C VAL B 275 -12.86 27.72 3.10
N ILE B 276 -13.64 28.56 2.43
CA ILE B 276 -13.15 29.79 1.83
C ILE B 276 -13.79 30.97 2.56
N HIS B 277 -12.96 31.91 2.99
CA HIS B 277 -13.40 33.06 3.77
C HIS B 277 -13.26 34.34 2.97
N ASN B 278 -14.02 35.36 3.38
CA ASN B 278 -13.96 36.71 2.81
C ASN B 278 -14.16 36.71 1.30
N ALA B 279 -14.73 35.64 0.75
CA ALA B 279 -14.88 35.54 -0.69
C ALA B 279 -16.06 36.36 -1.18
N GLY B 280 -15.95 36.85 -2.40
CA GLY B 280 -17.01 37.60 -3.02
C GLY B 280 -17.37 37.05 -4.39
N PRO B 281 -18.55 37.42 -4.88
CA PRO B 281 -18.97 36.95 -6.21
C PRO B 281 -18.07 37.48 -7.30
N HIS B 282 -17.89 36.66 -8.34
CA HIS B 282 -17.11 37.05 -9.51
C HIS B 282 -17.98 37.86 -10.45
N ARG B 283 -17.49 39.02 -10.88
CA ARG B 283 -18.26 39.93 -11.72
C ARG B 283 -17.85 39.86 -13.18
N ASP B 284 -16.96 38.95 -13.55
CA ASP B 284 -16.54 38.79 -14.93
C ASP B 284 -17.60 37.99 -15.68
N LYS B 285 -18.25 38.64 -16.66
CA LYS B 285 -19.36 38.04 -17.39
C LYS B 285 -19.03 36.67 -17.97
N LYS B 286 -17.76 36.34 -18.17
CA LYS B 286 -17.35 35.12 -18.83
C LYS B 286 -16.71 34.11 -17.89
N LEU B 287 -16.69 34.38 -16.60
CA LEU B 287 -16.34 33.33 -15.64
C LEU B 287 -17.56 32.45 -15.35
N LYS B 288 -17.28 31.23 -14.90
CA LYS B 288 -18.36 30.28 -14.67
C LYS B 288 -19.14 30.62 -13.40
N TYR B 289 -18.45 31.11 -12.38
CA TYR B 289 -19.11 31.54 -11.14
C TYR B 289 -19.38 33.04 -11.14
N TYR B 290 -19.75 33.54 -12.31
CA TYR B 290 -20.09 34.95 -12.46
C TYR B 290 -21.46 35.21 -11.87
N ILE B 291 -21.57 36.28 -11.09
CA ILE B 291 -22.85 36.72 -10.54
C ILE B 291 -22.95 38.23 -10.70
N PRO B 292 -23.89 38.73 -11.51
CA PRO B 292 -24.00 40.17 -11.70
C PRO B 292 -24.48 40.90 -10.45
N GLU B 293 -24.18 42.19 -10.40
CA GLU B 293 -24.49 43.00 -9.23
C GLU B 293 -25.98 43.21 -9.04
N VAL B 294 -26.77 43.11 -10.11
CA VAL B 294 -28.22 43.19 -9.97
C VAL B 294 -28.82 41.94 -9.33
N VAL B 295 -27.99 40.92 -9.08
CA VAL B 295 -28.44 39.68 -8.47
C VAL B 295 -27.98 39.56 -7.02
N TYR B 296 -26.71 39.86 -6.75
CA TYR B 296 -26.18 39.68 -5.40
C TYR B 296 -25.14 40.74 -5.09
N SER B 297 -25.29 41.38 -3.94
CA SER B 297 -24.36 42.41 -3.47
C SER B 297 -23.63 41.91 -2.23
N GLY B 298 -22.44 42.45 -2.01
CA GLY B 298 -21.66 42.12 -0.83
C GLY B 298 -20.81 40.89 -1.01
N LEU B 299 -20.46 40.28 0.13
CA LEU B 299 -19.58 39.14 0.18
C LEU B 299 -20.36 37.88 0.54
N TYR B 300 -19.67 36.74 0.42
CA TYR B 300 -20.18 35.41 0.77
C TYR B 300 -19.82 35.06 2.21
N PRO B 301 -20.65 34.28 2.88
CA PRO B 301 -20.26 33.76 4.20
C PRO B 301 -19.13 32.76 4.06
N PRO B 302 -18.54 32.30 5.16
CA PRO B 302 -17.64 31.15 5.07
C PRO B 302 -18.38 29.95 4.50
N TYR B 303 -17.70 29.19 3.65
CA TYR B 303 -18.35 28.05 3.02
C TYR B 303 -17.28 27.07 2.54
N ALA B 304 -17.61 25.78 2.67
CA ALA B 304 -16.73 24.70 2.22
C ALA B 304 -17.07 24.38 0.77
N GLY B 305 -16.18 24.74 -0.14
CA GLY B 305 -16.34 24.45 -1.55
C GLY B 305 -15.26 23.51 -2.06
N GLY B 306 -15.31 23.26 -3.37
CA GLY B 306 -14.24 22.58 -4.06
C GLY B 306 -14.41 21.10 -4.32
N GLY B 307 -15.56 20.51 -4.02
CA GLY B 307 -15.77 19.14 -4.43
C GLY B 307 -16.40 18.20 -3.42
N GLY B 308 -16.44 18.60 -2.15
CA GLY B 308 -17.04 17.75 -1.14
C GLY B 308 -16.77 18.18 0.29
N PHE B 309 -17.70 17.89 1.20
CA PHE B 309 -17.49 18.16 2.61
C PHE B 309 -18.12 17.06 3.44
N LEU B 310 -17.72 16.99 4.70
CA LEU B 310 -18.13 15.96 5.63
C LEU B 310 -18.83 16.61 6.82
N TYR B 311 -19.95 16.04 7.24
CA TYR B 311 -20.68 16.61 8.37
C TYR B 311 -21.52 15.55 9.08
N SER B 312 -21.87 15.86 10.31
CA SER B 312 -22.63 14.95 11.16
C SER B 312 -24.10 14.92 10.74
N GLY B 313 -24.74 13.78 10.98
CA GLY B 313 -26.16 13.66 10.67
C GLY B 313 -27.02 14.60 11.48
N HIS B 314 -26.67 14.78 12.76
CA HIS B 314 -27.39 15.72 13.61
C HIS B 314 -27.40 17.12 13.00
N LEU B 315 -26.27 17.55 12.44
CA LEU B 315 -26.23 18.85 11.78
C LEU B 315 -27.02 18.84 10.47
N ALA B 316 -27.14 17.67 9.83
CA ALA B 316 -27.88 17.60 8.58
C ALA B 316 -29.37 17.84 8.79
N LEU B 317 -29.94 17.24 9.84
CA LEU B 317 -31.34 17.49 10.16
C LEU B 317 -31.59 18.96 10.47
N ARG B 318 -30.68 19.57 11.24
CA ARG B 318 -30.80 21.00 11.51
C ARG B 318 -30.63 21.81 10.24
N LEU B 319 -29.74 21.35 9.34
CA LEU B 319 -29.55 22.03 8.07
C LEU B 319 -30.85 22.06 7.27
N TYR B 320 -31.54 20.92 7.18
CA TYR B 320 -32.76 20.88 6.39
C TYR B 320 -33.81 21.86 6.91
N HIS B 321 -34.01 21.90 8.22
CA HIS B 321 -35.07 22.73 8.79
C HIS B 321 -34.78 24.22 8.65
N ILE B 322 -33.52 24.60 8.45
CA ILE B 322 -33.19 26.00 8.24
C ILE B 322 -33.29 26.41 6.77
N THR B 323 -33.34 25.44 5.85
CA THR B 323 -33.34 25.75 4.43
C THR B 323 -34.54 26.60 4.02
N ASP B 324 -35.69 26.38 4.67
CA ASP B 324 -36.87 27.18 4.37
C ASP B 324 -36.66 28.66 4.57
N GLN B 325 -35.69 29.04 5.41
CA GLN B 325 -35.46 30.43 5.77
C GLN B 325 -34.34 31.07 4.96
N VAL B 326 -33.77 30.36 3.98
CA VAL B 326 -32.74 30.91 3.11
C VAL B 326 -33.18 30.68 1.67
N HIS B 327 -33.25 31.77 0.90
CA HIS B 327 -33.57 31.65 -0.52
C HIS B 327 -32.51 30.83 -1.24
N LEU B 328 -32.93 30.07 -2.25
CA LEU B 328 -31.99 29.35 -3.09
C LEU B 328 -31.01 30.32 -3.73
N TYR B 329 -29.74 29.93 -3.78
CA TYR B 329 -28.69 30.71 -4.39
C TYR B 329 -28.05 29.91 -5.53
N PRO B 330 -27.65 30.56 -6.63
CA PRO B 330 -27.18 29.81 -7.80
C PRO B 330 -25.93 28.97 -7.54
N ILE B 331 -25.23 29.18 -6.44
CA ILE B 331 -24.01 28.45 -6.13
C ILE B 331 -24.29 27.59 -4.91
N ASP B 332 -24.30 26.27 -5.11
CA ASP B 332 -24.82 25.36 -4.10
C ASP B 332 -23.97 25.39 -2.83
N ASP B 333 -22.65 25.47 -2.97
CA ASP B 333 -21.78 25.49 -1.79
C ASP B 333 -21.94 26.80 -1.01
N VAL B 334 -22.07 27.92 -1.72
CA VAL B 334 -22.36 29.19 -1.07
C VAL B 334 -23.67 29.10 -0.31
N TYR B 335 -24.67 28.42 -0.89
CA TYR B 335 -25.96 28.29 -0.22
C TYR B 335 -25.83 27.48 1.07
N THR B 336 -25.04 26.42 1.05
CA THR B 336 -24.85 25.61 2.25
C THR B 336 -24.17 26.41 3.35
N GLY B 337 -23.18 27.24 2.98
CA GLY B 337 -22.56 28.11 3.97
C GLY B 337 -23.54 29.15 4.50
N MET B 338 -24.39 29.70 3.62
CA MET B 338 -25.39 30.66 4.07
C MET B 338 -26.33 30.04 5.09
N CYS B 339 -26.64 28.75 4.94
CA CYS B 339 -27.51 28.08 5.90
C CYS B 339 -26.77 27.80 7.21
N LEU B 340 -25.49 27.42 7.12
CA LEU B 340 -24.71 27.18 8.32
C LEU B 340 -24.57 28.44 9.16
N GLN B 341 -24.23 29.56 8.51
CA GLN B 341 -24.12 30.83 9.21
C GLN B 341 -25.43 31.20 9.89
N LYS B 342 -26.56 30.97 9.20
CA LYS B 342 -27.86 31.24 9.81
C LYS B 342 -28.08 30.43 11.07
N LEU B 343 -27.48 29.24 11.15
CA LEU B 343 -27.52 28.43 12.37
C LEU B 343 -26.54 28.89 13.43
N GLY B 344 -25.70 29.88 13.12
CA GLY B 344 -24.69 30.31 14.06
C GLY B 344 -23.43 29.49 14.03
N LEU B 345 -23.05 28.98 12.86
CA LEU B 345 -21.92 28.07 12.74
C LEU B 345 -20.93 28.58 11.71
N VAL B 346 -19.67 28.21 11.89
CA VAL B 346 -18.61 28.50 10.93
C VAL B 346 -18.06 27.17 10.45
N PRO B 347 -18.00 26.93 9.15
CA PRO B 347 -17.45 25.65 8.67
C PRO B 347 -15.95 25.56 8.94
N GLU B 348 -15.53 24.37 9.35
CA GLU B 348 -14.16 24.15 9.82
C GLU B 348 -13.28 23.67 8.67
N LYS B 349 -12.23 24.44 8.38
CA LYS B 349 -11.27 24.04 7.37
C LYS B 349 -10.56 22.76 7.77
N HIS B 350 -10.10 21.99 6.79
CA HIS B 350 -9.37 20.76 7.06
C HIS B 350 -8.28 20.56 6.01
N LYS B 351 -7.07 20.24 6.49
CA LYS B 351 -5.92 19.90 5.66
C LYS B 351 -6.25 18.96 4.50
N GLY B 352 -6.97 17.88 4.78
CA GLY B 352 -7.15 16.78 3.86
C GLY B 352 -8.13 16.99 2.72
N PHE B 353 -8.69 18.19 2.56
CA PHE B 353 -9.62 18.45 1.48
C PHE B 353 -8.87 19.19 0.37
N ARG B 354 -8.29 18.40 -0.52
CA ARG B 354 -7.38 18.92 -1.56
C ARG B 354 -8.18 19.21 -2.83
N THR B 355 -8.97 20.29 -2.76
CA THR B 355 -9.71 20.73 -3.94
C THR B 355 -8.78 21.05 -5.10
N PHE B 356 -7.50 21.33 -4.82
CA PHE B 356 -6.55 21.63 -5.87
C PHE B 356 -5.48 20.54 -5.98
N ASP B 357 -5.91 19.30 -6.10
CA ASP B 357 -5.02 18.18 -6.42
C ASP B 357 -3.94 17.95 -5.37
N ILE B 358 -2.82 17.34 -5.77
CA ILE B 358 -1.77 16.91 -4.86
C ILE B 358 -0.44 17.53 -5.32
N GLU B 359 0.61 17.31 -4.51
CA GLU B 359 1.97 17.84 -4.70
C GLU B 359 2.44 17.91 -6.15
N GLU B 360 3.26 18.93 -6.44
CA GLU B 360 3.89 19.21 -7.72
C GLU B 360 3.94 17.96 -8.60
N LYS B 361 2.97 17.86 -9.52
CA LYS B 361 2.72 16.71 -10.40
C LYS B 361 3.40 15.41 -9.99
N ASN B 362 3.50 15.14 -8.69
CA ASN B 362 4.10 13.92 -8.17
C ASN B 362 3.03 13.16 -7.40
N LYS B 363 1.98 12.78 -8.12
CA LYS B 363 0.84 12.07 -7.56
C LYS B 363 0.98 10.55 -7.66
N ASN B 364 2.11 10.07 -8.17
CA ASN B 364 2.29 8.65 -8.43
C ASN B 364 2.89 7.88 -7.26
N ASN B 365 2.93 8.48 -6.07
CA ASN B 365 3.27 7.78 -4.84
C ASN B 365 2.01 7.67 -4.01
N ILE B 366 1.65 6.43 -3.64
CA ILE B 366 0.36 6.16 -3.01
C ILE B 366 0.27 6.76 -1.60
N CYS B 367 1.40 7.00 -0.95
CA CYS B 367 1.37 7.45 0.44
C CYS B 367 0.93 8.91 0.58
N SER B 368 0.97 9.69 -0.50
CA SER B 368 0.41 11.04 -0.44
C SER B 368 -1.10 11.02 -0.33
N TYR B 369 -1.73 9.90 -0.68
CA TYR B 369 -3.19 9.73 -0.57
C TYR B 369 -3.62 9.10 0.74
N VAL B 370 -2.68 8.67 1.59
CA VAL B 370 -3.04 7.96 2.81
C VAL B 370 -3.50 8.91 3.91
N ASP B 371 -3.18 10.20 3.82
CA ASP B 371 -3.42 11.14 4.91
C ASP B 371 -4.46 12.18 4.58
N LEU B 372 -4.89 12.28 3.32
CA LEU B 372 -5.90 13.24 2.90
C LEU B 372 -7.29 12.59 2.90
N MET B 373 -8.31 13.44 2.76
CA MET B 373 -9.69 12.98 2.73
C MET B 373 -10.27 12.97 1.33
N LEU B 374 -9.89 13.91 0.47
CA LEU B 374 -10.29 13.86 -0.93
C LEU B 374 -9.33 14.70 -1.78
N VAL B 375 -9.18 14.29 -3.04
CA VAL B 375 -8.47 15.08 -4.05
C VAL B 375 -9.42 15.34 -5.21
N HIS B 376 -9.33 16.54 -5.77
CA HIS B 376 -10.04 16.92 -6.98
C HIS B 376 -9.01 17.31 -8.03
N SER B 377 -9.10 16.72 -9.20
CA SER B 377 -10.10 15.75 -9.66
C SER B 377 -9.45 14.50 -10.23
N ARG B 378 -10.23 13.42 -10.37
CA ARG B 378 -9.71 12.15 -10.86
C ARG B 378 -10.69 11.52 -11.84
N LYS B 379 -10.15 10.94 -12.90
CA LYS B 379 -10.94 10.20 -13.87
C LYS B 379 -11.38 8.86 -13.28
N PRO B 380 -12.40 8.22 -13.88
CA PRO B 380 -12.82 6.89 -13.39
C PRO B 380 -11.67 5.90 -13.24
N GLN B 381 -10.83 5.78 -14.28
CA GLN B 381 -9.68 4.89 -14.23
C GLN B 381 -8.78 5.22 -13.05
N GLU B 382 -8.51 6.50 -12.82
CA GLU B 382 -7.61 6.91 -11.75
C GLU B 382 -8.16 6.52 -10.38
N MET B 383 -9.47 6.69 -10.18
CA MET B 383 -10.08 6.35 -8.89
C MET B 383 -9.87 4.89 -8.55
N ILE B 384 -10.12 4.00 -9.52
CA ILE B 384 -9.98 2.57 -9.27
C ILE B 384 -8.54 2.22 -8.97
N ASP B 385 -7.60 2.81 -9.72
CA ASP B 385 -6.19 2.47 -9.56
C ASP B 385 -5.65 2.95 -8.21
N ILE B 386 -6.07 4.14 -7.78
CA ILE B 386 -5.59 4.65 -6.50
C ILE B 386 -6.13 3.80 -5.35
N TRP B 387 -7.44 3.54 -5.37
CA TRP B 387 -8.05 2.66 -4.38
C TRP B 387 -7.36 1.30 -4.36
N SER B 388 -7.10 0.74 -5.54
CA SER B 388 -6.45 -0.55 -5.62
C SER B 388 -5.09 -0.55 -4.91
N GLN B 389 -4.30 0.50 -5.14
CA GLN B 389 -2.99 0.58 -4.51
C GLN B 389 -3.10 0.93 -3.03
N LEU B 390 -4.13 1.70 -2.66
CA LEU B 390 -4.30 2.09 -1.26
C LEU B 390 -4.46 0.89 -0.34
N GLN B 391 -5.03 -0.20 -0.86
CA GLN B 391 -5.29 -1.38 -0.04
C GLN B 391 -4.01 -2.00 0.53
N SER B 392 -2.86 -1.67 -0.03
CA SER B 392 -1.57 -2.18 0.42
C SER B 392 -0.70 -1.09 1.05
N ALA B 393 -1.23 0.13 1.18
CA ALA B 393 -0.45 1.25 1.66
C ALA B 393 -0.10 1.15 3.14
N HIS B 394 -0.76 0.28 3.91
CA HIS B 394 -0.34 0.04 5.29
C HIS B 394 0.98 -0.71 5.38
N LEU B 395 1.49 -1.20 4.24
CA LEU B 395 2.79 -1.86 4.15
C LEU B 395 3.89 -0.89 3.75
N LYS B 396 3.81 -0.37 2.53
CA LYS B 396 4.78 0.55 1.94
C LYS B 396 4.86 1.89 2.65
N CYS B 397 4.16 2.05 3.77
CA CYS B 397 4.27 3.24 4.62
C CYS B 397 3.88 2.92 6.05
C1 NAG C . 1.94 -15.13 0.18
C2 NAG C . 1.73 -15.76 -1.21
C3 NAG C . 0.68 -14.99 -2.00
C4 NAG C . -0.61 -14.87 -1.19
C5 NAG C . -0.31 -14.22 0.15
C6 NAG C . -1.53 -14.14 1.05
C7 NAG C . 3.53 -16.99 -2.35
C8 NAG C . 4.82 -16.87 -3.12
N2 NAG C . 2.97 -15.84 -1.96
O3 NAG C . 0.41 -15.64 -3.24
O4 NAG C . -1.56 -14.07 -1.90
O5 NAG C . 0.67 -15.01 0.86
O6 NAG C . -1.97 -15.43 1.46
O7 NAG C . 3.03 -18.07 -2.09
C1 NAG C . -2.67 -14.87 -2.39
C2 NAG C . -3.88 -13.94 -2.60
C3 NAG C . -5.04 -14.71 -3.23
C4 NAG C . -4.59 -15.42 -4.50
C5 NAG C . -3.40 -16.32 -4.19
C6 NAG C . -2.84 -17.02 -5.41
C7 NAG C . -3.98 -12.09 -1.00
C8 NAG C . -4.50 -11.62 0.33
N2 NAG C . -4.29 -13.34 -1.34
O3 NAG C . -6.09 -13.81 -3.55
O4 NAG C . -5.65 -16.21 -5.04
O5 NAG C . -2.34 -15.53 -3.64
O6 NAG C . -2.54 -16.10 -6.46
O7 NAG C . -3.32 -11.35 -1.73
C1 NAG D . 12.79 -13.93 -6.42
C2 NAG D . 12.85 -13.02 -7.64
C3 NAG D . 11.44 -12.56 -8.02
C4 NAG D . 10.47 -13.72 -8.13
C5 NAG D . 10.54 -14.60 -6.88
C6 NAG D . 9.71 -15.86 -7.00
C7 NAG D . 14.85 -11.68 -8.10
C8 NAG D . 15.63 -10.46 -7.74
N2 NAG D . 13.71 -11.89 -7.42
O3 NAG D . 11.50 -11.87 -9.27
O4 NAG D . 9.13 -13.23 -8.24
O5 NAG D . 11.89 -15.02 -6.65
O6 NAG D . 10.18 -16.70 -8.04
O7 NAG D . 15.22 -12.46 -8.97
C1 NAG D . 8.49 -13.52 -9.50
C2 NAG D . 6.98 -13.35 -9.29
C3 NAG D . 6.23 -13.50 -10.62
C4 NAG D . 6.83 -12.59 -11.69
C5 NAG D . 8.31 -12.88 -11.82
C6 NAG D . 9.01 -11.98 -12.82
C7 NAG D . 6.26 -14.01 -7.04
C8 NAG D . 5.73 -15.12 -6.18
N2 NAG D . 6.48 -14.30 -8.32
O3 NAG D . 4.86 -13.15 -10.41
O4 NAG D . 6.19 -12.81 -12.94
O5 NAG D . 8.95 -12.65 -10.54
O6 NAG D . 8.89 -10.61 -12.49
O7 NAG D . 6.46 -12.88 -6.59
C1 NAG E . -45.66 22.59 -5.70
C2 NAG E . -46.21 21.60 -6.72
C3 NAG E . -47.02 22.34 -7.77
C4 NAG E . -48.16 23.10 -7.09
C5 NAG E . -47.59 24.04 -6.01
C6 NAG E . -48.66 24.70 -5.17
C7 NAG E . -44.27 21.18 -8.24
C8 NAG E . -43.29 20.14 -8.68
N2 NAG E . -45.16 20.77 -7.32
O3 NAG E . -47.55 21.43 -8.73
O4 NAG E . -48.86 23.90 -8.04
O5 NAG E . -46.73 23.32 -5.10
O6 NAG E . -49.34 23.75 -4.36
O7 NAG E . -44.26 22.32 -8.68
C1 NAG E . -50.16 23.39 -8.35
C2 NAG E . -51.19 24.52 -8.15
C3 NAG E . -52.55 24.17 -8.78
C4 NAG E . -52.42 23.55 -10.17
C5 NAG E . -51.42 22.41 -10.12
C6 NAG E . -51.16 21.76 -11.46
C7 NAG E . -52.00 25.76 -6.15
C8 NAG E . -52.09 25.70 -4.65
N2 NAG E . -51.37 24.72 -6.72
O3 NAG E . -53.34 25.34 -8.84
O4 NAG E . -53.69 23.06 -10.61
O5 NAG E . -50.17 22.95 -9.68
O6 NAG E . -51.84 22.42 -12.51
O7 NAG E . -52.43 26.72 -6.80
C1 NAG F . -34.89 24.44 -11.94
C2 NAG F . -34.84 25.28 -13.21
C3 NAG F . -36.24 25.73 -13.64
C4 NAG F . -37.19 24.54 -13.71
C5 NAG F . -37.13 23.73 -12.42
C6 NAG F . -37.94 22.46 -12.49
C7 NAG F . -32.77 26.57 -13.60
C8 NAG F . -32.02 27.83 -13.29
N2 NAG F . -33.97 26.45 -13.03
O3 NAG F . -36.15 26.35 -14.92
O4 NAG F . -38.53 25.01 -13.86
O5 NAG F . -35.79 23.34 -12.14
O6 NAG F . -37.34 21.50 -13.35
O7 NAG F . -32.30 25.69 -14.32
C1 NAG F . -39.15 24.74 -15.12
C2 NAG F . -40.67 24.85 -14.88
C3 NAG F . -41.45 24.78 -16.19
C4 NAG F . -40.90 25.76 -17.22
C5 NAG F . -39.41 25.47 -17.41
C6 NAG F . -38.74 26.41 -18.39
C7 NAG F . -41.37 24.03 -12.67
C8 NAG F . -41.82 22.83 -11.90
N2 NAG F . -41.12 23.81 -13.97
O3 NAG F . -42.82 25.09 -15.93
O4 NAG F . -41.58 25.62 -18.47
O5 NAG F . -38.75 25.66 -16.14
O6 NAG F . -37.39 26.03 -18.62
O7 NAG F . -41.24 25.13 -12.16
C10 X18 G . 25.81 -11.40 -11.19
C13 X18 G . 27.14 -13.37 -11.41
C15 X18 G . 24.85 -18.12 -7.28
C20 X18 G . 26.33 -21.26 -5.55
C21 X18 G . 27.46 -21.80 -4.66
C22 X18 G . 26.95 -20.64 -6.79
C24 X18 G . 22.95 -20.40 -4.98
C28 X18 G . 22.09 -18.09 -7.80
C01 X18 G . 22.95 -17.29 -8.58
C02 X18 G . 24.34 -17.30 -8.30
C03 X18 G . 25.34 -16.45 -9.14
C05 X18 G . 26.09 -15.62 -11.48
C06 X18 G . 25.85 -16.03 -12.93
C07 X18 G . 25.97 -14.11 -11.36
C09 X18 G . 24.66 -12.20 -11.16
C12 X18 G . 27.06 -11.98 -11.32
C16 X18 G . 23.98 -18.93 -6.50
C18 X18 G . 25.50 -20.22 -4.73
C19 X18 G . 26.34 -18.99 -4.42
C23 X18 G . 25.44 -22.44 -5.95
C27 X18 G . 22.60 -18.91 -6.76
N04 X18 G . 25.17 -16.36 -10.61
N08 X18 G . 24.78 -13.52 -11.24
N17 X18 G . 24.23 -19.87 -5.37
N26 X18 G . 21.94 -19.83 -5.82
O14 X18 G . 26.24 -15.89 -8.61
O25 X18 G . 22.77 -21.18 -4.11
BR11 X18 G . 25.67 -9.47 -11.06
C1 EDO H . 29.94 -27.62 -12.79
O1 EDO H . 29.31 -26.57 -12.05
C2 EDO H . 30.03 -28.85 -11.90
O2 EDO H . 28.74 -29.10 -11.32
C10 X18 I . -21.78 26.90 -16.69
C13 X18 I . -22.79 24.74 -16.73
C15 X18 I . -22.64 20.20 -12.83
C20 X18 I . -21.19 17.06 -11.03
C21 X18 I . -20.65 17.60 -12.37
C22 X18 I . -22.02 15.81 -11.31
C24 X18 I . -24.57 17.91 -10.55
C28 X18 I . -25.37 20.20 -13.42
C01 X18 I . -24.50 21.00 -14.19
C02 X18 I . -23.12 21.01 -13.88
C03 X18 I . -22.11 21.85 -14.69
C05 X18 I . -21.31 22.71 -16.99
C06 X18 I . -21.49 22.29 -18.45
C07 X18 I . -21.52 24.22 -16.88
C09 X18 I . -20.53 26.32 -16.83
C12 X18 I . -22.92 26.12 -16.64
C16 X18 I . -23.51 19.38 -12.06
C18 X18 I . -22.03 18.11 -10.25
C19 X18 I . -21.21 19.35 -9.94
C23 X18 I . -19.98 16.67 -10.18
C27 X18 I . -24.89 19.39 -12.36
N04 X18 I . -22.25 21.95 -16.16
N08 X18 I . -20.45 25.01 -16.92
N17 X18 I . -23.29 18.45 -10.92
N26 X18 I . -25.56 18.47 -11.43
O14 X18 I . -21.22 22.41 -14.14
O25 X18 I . -24.77 17.14 -9.68
BR11 X18 I . -21.91 28.84 -16.56
C1 EDO J . -18.32 11.46 -17.12
O1 EDO J . -17.64 11.67 -18.37
C2 EDO J . -18.69 9.99 -17.00
O2 EDO J . -17.54 9.19 -17.30
#